data_2WBL
#
_entry.id   2WBL
#
_cell.length_a   80.550
_cell.length_b   110.220
_cell.length_c   151.980
_cell.angle_alpha   90.00
_cell.angle_beta   90.00
_cell.angle_gamma   90.00
#
_symmetry.space_group_name_H-M   'P 21 21 21'
#
loop_
_entity.id
_entity.type
_entity.pdbx_description
1 polymer 'RHO OF PLANTS GUANINE NUCLEOTIDE EXCHANGE FACTOR 8'
2 polymer 'RAC-LIKE GTP-BINDING PROTEIN ARAC2'
#
loop_
_entity_poly.entity_id
_entity_poly.type
_entity_poly.pdbx_seq_one_letter_code
_entity_poly.pdbx_strand_id
1 'polypeptide(L)'
;GKRSERQQADMEMMKDRFAKLLLGEDMSGGGKGVSSALALSNAITNLAASIFGEQTKLQPMPQDRQARWKKEIDWLLSVT
DHIVEFVPSQQTSKDGVCTEIMVTRQRGDLLMNIPALRKLDAMLIDTLDNFRGHNEFWYVSRDSEEGQQARNDRTNDKWW
LPPVKVPPGGLSEPSRRMLYFQKDSVTQVQKAAMAINAQVLSEMEIPESYIDSLPKNGRASLGDSIYKSITEEWFDPEQF
LAMLDMSTEHKVLDLKNRIEASVVIWKRKLHTKDTKSSWGSAVSLEKRELFEERAETILVLLKQKFPGLPQSSLDISKIQ
FNKDVGQAVLESYSRILESLAYTVMSRIEDVLYTDTLALKQTLLA
;
A,B
2 'polypeptide(L)'
;MSTARFIKCVTVGDGAVGKTCMLISYTGNTFPTDYVPTVFDNFSANVVVDGSTVNLGLWDTAGQEDYNRLRPLSYRGADV
FLLAFSLISKASYENIHKKWLPELKHYAPGIPIVLVGTKLDLRDDKQFLKDHPGAASITTAQGEELRKMIGAVRYLECSS
KTQQNVKAVFDTAIRVALRP
;
C,D
#
# COMPACT_ATOMS: atom_id res chain seq x y z
N ASP A 10 13.06 -5.54 15.07
CA ASP A 10 13.71 -4.84 13.92
C ASP A 10 13.58 -5.63 12.61
N MET A 11 12.85 -6.74 12.68
CA MET A 11 12.44 -7.53 11.53
C MET A 11 10.95 -7.80 11.71
N GLU A 12 10.61 -8.76 12.56
CA GLU A 12 9.21 -9.14 12.85
C GLU A 12 8.40 -7.97 13.39
N MET A 13 9.08 -6.87 13.72
CA MET A 13 8.44 -5.67 14.23
C MET A 13 8.10 -4.73 13.08
N MET A 14 9.11 -4.45 12.25
CA MET A 14 8.95 -3.62 11.05
C MET A 14 7.99 -4.27 10.07
N LYS A 15 8.26 -5.54 9.73
CA LYS A 15 7.39 -6.34 8.87
C LYS A 15 5.91 -6.11 9.13
N ASP A 16 5.46 -6.41 10.34
CA ASP A 16 4.06 -6.19 10.70
C ASP A 16 3.57 -4.81 10.25
N ARG A 17 4.21 -3.75 10.77
CA ARG A 17 3.77 -2.37 10.53
C ARG A 17 3.57 -2.12 9.05
N PHE A 18 4.58 -2.47 8.25
CA PHE A 18 4.53 -2.24 6.81
C PHE A 18 3.43 -3.05 6.11
N ALA A 19 3.25 -4.29 6.56
CA ALA A 19 2.28 -5.19 5.95
C ALA A 19 0.85 -4.75 6.28
N LYS A 20 0.59 -4.44 7.54
CA LYS A 20 -0.72 -3.90 7.91
C LYS A 20 -1.07 -2.70 7.02
N LEU A 21 -0.07 -2.01 6.49
CA LEU A 21 -0.30 -0.83 5.65
C LEU A 21 -0.72 -1.17 4.23
N LEU A 22 -0.20 -2.27 3.68
CA LEU A 22 -0.56 -2.69 2.33
C LEU A 22 -1.99 -3.19 2.24
N LEU A 23 -2.50 -3.72 3.35
CA LEU A 23 -3.89 -4.12 3.42
C LEU A 23 -4.80 -2.89 3.37
N GLY A 24 -4.22 -1.73 3.62
CA GLY A 24 -4.97 -0.49 3.57
C GLY A 24 -6.09 -0.55 4.58
N GLU A 25 -5.77 -1.04 5.77
CA GLU A 25 -6.68 -1.13 6.92
C GLU A 25 -7.67 -2.29 6.87
N ASP A 26 -7.92 -2.80 5.66
CA ASP A 26 -8.86 -3.91 5.44
C ASP A 26 -8.20 -5.25 5.72
N MET A 27 -8.36 -5.75 6.94
CA MET A 27 -7.70 -6.98 7.32
C MET A 27 -8.32 -8.24 6.72
N SER A 28 -9.41 -8.08 5.98
CA SER A 28 -9.98 -9.21 5.25
C SER A 28 -9.20 -9.49 3.98
N GLY A 29 -8.34 -8.55 3.61
CA GLY A 29 -7.48 -8.68 2.45
C GLY A 29 -8.21 -8.48 1.14
N GLY A 30 -9.45 -7.98 1.21
CA GLY A 30 -10.24 -7.75 0.00
C GLY A 30 -9.82 -6.51 -0.76
N GLY A 31 -8.97 -5.68 -0.15
CA GLY A 31 -8.57 -4.42 -0.77
C GLY A 31 -9.74 -3.47 -0.88
N LYS A 32 -10.73 -3.65 -0.01
CA LYS A 32 -11.78 -2.65 0.18
C LYS A 32 -11.31 -1.63 1.23
N GLY A 33 -10.00 -1.56 1.42
CA GLY A 33 -9.39 -0.65 2.40
C GLY A 33 -9.30 0.81 1.97
N VAL A 34 -8.35 1.53 2.55
CA VAL A 34 -8.16 2.91 2.15
C VAL A 34 -6.92 3.03 1.29
N SER A 35 -6.64 4.24 0.84
CA SER A 35 -5.47 4.46 0.03
C SER A 35 -4.24 4.27 0.88
N SER A 36 -3.16 3.89 0.23
CA SER A 36 -1.88 3.75 0.88
C SER A 36 -1.52 5.04 1.64
N ALA A 37 -1.99 6.17 1.11
CA ALA A 37 -1.80 7.48 1.71
C ALA A 37 -2.61 7.63 2.98
N LEU A 38 -3.90 7.35 2.89
CA LEU A 38 -4.75 7.45 4.07
C LEU A 38 -4.29 6.48 5.19
N ALA A 39 -3.82 5.29 4.80
CA ALA A 39 -3.32 4.31 5.75
C ALA A 39 -2.10 4.85 6.46
N LEU A 40 -1.21 5.49 5.72
CA LEU A 40 -0.04 6.16 6.31
C LEU A 40 -0.40 7.37 7.18
N SER A 41 -1.37 8.17 6.77
CA SER A 41 -1.80 9.30 7.59
C SER A 41 -2.27 8.82 8.97
N ASN A 42 -3.08 7.78 8.98
CA ASN A 42 -3.63 7.24 10.22
C ASN A 42 -2.55 6.58 11.07
N ALA A 43 -1.65 5.84 10.44
CA ALA A 43 -0.59 5.12 11.16
C ALA A 43 0.24 6.08 12.01
N ILE A 44 0.57 7.24 11.43
CA ILE A 44 1.36 8.26 12.08
C ILE A 44 0.55 8.86 13.20
N THR A 45 -0.68 9.28 12.90
CA THR A 45 -1.59 9.82 13.90
C THR A 45 -1.65 8.91 15.12
N ASN A 46 -1.96 7.63 14.87
CA ASN A 46 -2.16 6.68 15.94
C ASN A 46 -0.91 6.44 16.78
N LEU A 47 0.25 6.40 16.14
CA LEU A 47 1.52 6.19 16.84
C LEU A 47 1.82 7.34 17.78
N ALA A 48 1.70 8.56 17.26
CA ALA A 48 1.91 9.74 18.08
C ALA A 48 0.99 9.76 19.30
N ALA A 49 -0.27 9.36 19.14
CA ALA A 49 -1.20 9.33 20.26
C ALA A 49 -0.73 8.35 21.33
N SER A 50 -0.30 7.16 20.94
CA SER A 50 0.17 6.19 21.93
C SER A 50 1.40 6.66 22.73
N ILE A 51 2.39 7.23 22.04
CA ILE A 51 3.62 7.72 22.68
C ILE A 51 3.39 9.00 23.47
N PHE A 52 2.80 10.01 22.84
CA PHE A 52 2.52 11.29 23.48
C PHE A 52 1.54 11.15 24.66
N GLY A 53 0.59 10.23 24.56
CA GLY A 53 -0.37 9.98 25.64
C GLY A 53 0.26 9.60 26.97
N GLU A 54 1.43 8.96 26.92
CA GLU A 54 2.19 8.62 28.13
C GLU A 54 2.98 9.81 28.71
N GLN A 55 3.23 10.84 27.90
CA GLN A 55 3.88 12.07 28.36
C GLN A 55 2.88 12.95 29.12
N THR A 56 2.66 12.60 30.38
CA THR A 56 1.67 13.26 31.22
C THR A 56 2.33 14.25 32.19
N LYS A 57 3.65 14.10 32.32
CA LYS A 57 4.46 14.89 33.22
C LYS A 57 5.46 15.73 32.41
N LEU A 58 5.95 16.82 33.00
CA LEU A 58 6.94 17.63 32.33
C LEU A 58 8.34 17.11 32.65
N GLN A 59 8.74 16.06 31.95
CA GLN A 59 10.02 15.41 32.18
C GLN A 59 10.44 14.69 30.92
N PRO A 60 11.74 14.36 30.79
CA PRO A 60 12.23 13.70 29.57
C PRO A 60 11.45 12.44 29.20
N MET A 61 11.38 12.16 27.92
CA MET A 61 10.73 10.96 27.45
C MET A 61 11.66 9.78 27.74
N PRO A 62 11.20 8.82 28.57
CA PRO A 62 12.02 7.69 29.03
C PRO A 62 12.68 6.94 27.89
N GLN A 63 13.96 6.61 28.08
CA GLN A 63 14.84 6.16 26.99
C GLN A 63 14.27 5.19 25.94
N ASP A 64 13.41 4.26 26.36
CA ASP A 64 12.84 3.27 25.42
C ASP A 64 11.66 3.79 24.60
N ARG A 65 10.79 4.60 25.23
CA ARG A 65 9.76 5.33 24.50
C ARG A 65 10.41 6.20 23.44
N GLN A 66 11.52 6.85 23.80
CA GLN A 66 12.33 7.62 22.86
C GLN A 66 12.85 6.78 21.68
N ALA A 67 13.34 5.59 22.00
CA ALA A 67 13.83 4.67 20.99
C ALA A 67 12.71 4.21 20.06
N ARG A 68 11.57 3.81 20.64
CA ARG A 68 10.36 3.41 19.89
C ARG A 68 9.96 4.49 18.89
N TRP A 69 9.85 5.71 19.41
CA TRP A 69 9.50 6.89 18.65
C TRP A 69 10.51 7.13 17.53
N LYS A 70 11.78 7.25 17.87
CA LYS A 70 12.82 7.43 16.86
C LYS A 70 12.66 6.42 15.72
N LYS A 71 12.61 5.12 16.02
CA LYS A 71 12.65 4.09 14.98
C LYS A 71 11.32 3.88 14.24
N GLU A 72 10.22 3.86 14.97
CA GLU A 72 8.91 3.64 14.33
C GLU A 72 8.57 4.71 13.31
N ILE A 73 8.67 5.97 13.71
CA ILE A 73 8.40 7.06 12.80
C ILE A 73 9.33 7.06 11.60
N ASP A 74 10.58 6.64 11.79
CA ASP A 74 11.52 6.53 10.67
C ASP A 74 10.96 5.61 9.60
N TRP A 75 10.53 4.41 10.02
CA TRP A 75 9.83 3.48 9.12
C TRP A 75 8.77 4.20 8.28
N LEU A 76 7.84 4.87 8.93
CA LEU A 76 6.72 5.53 8.27
C LEU A 76 7.16 6.72 7.41
N LEU A 77 8.06 7.55 7.92
CA LEU A 77 8.58 8.67 7.15
C LEU A 77 9.43 8.24 5.96
N SER A 78 9.99 7.03 6.03
CA SER A 78 10.99 6.58 5.06
C SER A 78 10.43 6.34 3.66
N VAL A 79 9.11 6.23 3.52
CA VAL A 79 8.52 6.15 2.19
C VAL A 79 8.84 7.40 1.38
N THR A 80 9.06 8.53 2.05
CA THR A 80 9.26 9.81 1.34
C THR A 80 10.63 9.89 0.66
N ASP A 81 11.60 9.12 1.17
CA ASP A 81 12.91 8.97 0.53
C ASP A 81 12.80 8.54 -0.95
N HIS A 82 11.78 7.75 -1.25
CA HIS A 82 11.58 7.20 -2.58
C HIS A 82 10.63 7.99 -3.49
N ILE A 83 10.16 9.15 -3.04
CA ILE A 83 9.23 9.95 -3.84
C ILE A 83 10.05 10.98 -4.57
N VAL A 84 10.06 10.87 -5.90
CA VAL A 84 11.08 11.53 -6.71
C VAL A 84 10.53 12.40 -7.85
N GLU A 85 11.40 13.29 -8.31
CA GLU A 85 11.25 13.96 -9.59
C GLU A 85 12.23 13.26 -10.54
N PHE A 86 11.77 12.93 -11.75
CA PHE A 86 12.57 12.17 -12.70
C PHE A 86 12.91 13.11 -13.83
N VAL A 87 14.12 13.67 -13.78
CA VAL A 87 14.47 14.81 -14.63
C VAL A 87 15.71 14.58 -15.50
N PRO A 88 15.83 15.30 -16.63
CA PRO A 88 16.99 15.14 -17.49
C PRO A 88 18.22 15.84 -16.92
N SER A 89 19.38 15.22 -17.04
CA SER A 89 20.62 15.79 -16.56
C SER A 89 21.76 15.29 -17.45
N GLN A 90 22.98 15.69 -17.11
CA GLN A 90 24.16 15.25 -17.83
C GLN A 90 25.17 14.62 -16.89
N GLN A 91 26.11 13.88 -17.48
CA GLN A 91 27.24 13.31 -16.76
C GLN A 91 28.40 13.24 -17.73
N THR A 92 29.60 13.16 -17.20
CA THR A 92 30.78 13.23 -18.05
C THR A 92 31.90 12.32 -17.51
N SER A 93 32.30 11.36 -18.32
CA SER A 93 33.26 10.34 -17.89
C SER A 93 34.68 10.91 -17.81
N LYS A 94 35.57 10.22 -17.09
CA LYS A 94 36.98 10.61 -16.94
C LYS A 94 37.67 10.74 -18.30
N ASP A 95 37.17 9.94 -19.23
CA ASP A 95 37.61 9.92 -20.62
C ASP A 95 37.23 11.22 -21.37
N GLY A 96 36.17 11.89 -20.91
CA GLY A 96 35.78 13.21 -21.43
C GLY A 96 34.35 13.31 -21.96
N VAL A 97 33.75 12.17 -22.26
CA VAL A 97 32.47 12.12 -22.96
C VAL A 97 31.30 12.58 -22.08
N CYS A 98 30.46 13.45 -22.63
CA CYS A 98 29.23 13.90 -21.98
C CYS A 98 28.01 13.12 -22.47
N THR A 99 27.41 12.31 -21.60
CA THR A 99 26.21 11.63 -22.00
C THR A 99 25.02 12.11 -21.18
N GLU A 100 23.88 12.19 -21.86
CA GLU A 100 22.65 12.62 -21.22
C GLU A 100 22.06 11.44 -20.47
N ILE A 101 21.48 11.73 -19.32
CA ILE A 101 20.88 10.72 -18.48
C ILE A 101 19.64 11.34 -17.88
N MET A 102 18.73 10.50 -17.41
CA MET A 102 17.67 10.94 -16.54
C MET A 102 18.18 10.78 -15.13
N VAL A 103 17.67 11.59 -14.21
CA VAL A 103 18.17 11.57 -12.86
C VAL A 103 17.02 11.73 -11.86
N THR A 104 17.29 11.37 -10.61
CA THR A 104 16.24 11.22 -9.63
C THR A 104 16.56 12.06 -8.40
N ARG A 105 15.73 13.06 -8.13
CA ARG A 105 15.90 13.91 -6.94
C ARG A 105 14.60 13.97 -6.14
N GLN A 106 14.73 14.10 -4.82
CA GLN A 106 13.57 14.12 -3.93
C GLN A 106 12.61 15.21 -4.33
N ARG A 107 11.31 14.96 -4.18
CA ARG A 107 10.27 15.88 -4.67
C ARG A 107 10.33 17.23 -3.96
N GLY A 108 9.99 18.29 -4.70
CA GLY A 108 10.14 19.66 -4.22
C GLY A 108 9.70 19.83 -2.79
N ASP A 109 8.45 19.46 -2.52
CA ASP A 109 7.81 19.73 -1.23
C ASP A 109 8.20 18.78 -0.13
N LEU A 110 9.18 17.92 -0.40
CA LEU A 110 9.67 16.95 0.58
C LEU A 110 11.11 17.24 0.98
N LEU A 111 11.89 17.77 0.02
CA LEU A 111 13.29 18.00 0.19
C LEU A 111 13.56 18.86 1.43
N MET A 112 12.84 19.99 1.53
CA MET A 112 13.03 20.94 2.61
C MET A 112 12.17 20.62 3.84
N ASN A 113 10.93 20.22 3.60
CA ASN A 113 9.93 20.09 4.66
C ASN A 113 10.10 18.91 5.62
N ILE A 114 10.44 17.75 5.08
CA ILE A 114 10.65 16.58 5.94
C ILE A 114 11.77 16.85 6.95
N PRO A 115 12.96 17.27 6.48
CA PRO A 115 14.02 17.55 7.43
C PRO A 115 13.65 18.69 8.39
N ALA A 116 12.90 19.68 7.92
CA ALA A 116 12.38 20.72 8.80
C ALA A 116 11.55 20.12 9.93
N LEU A 117 10.71 19.14 9.58
CA LEU A 117 9.83 18.52 10.55
C LEU A 117 10.63 17.63 11.51
N ARG A 118 11.70 17.02 11.01
CA ARG A 118 12.58 16.21 11.87
C ARG A 118 13.34 17.10 12.84
N LYS A 119 13.72 18.29 12.38
CA LYS A 119 14.35 19.26 13.26
C LYS A 119 13.37 19.62 14.40
N LEU A 120 12.12 19.88 14.04
CA LEU A 120 11.07 20.23 14.99
C LEU A 120 10.83 19.11 15.99
N ASP A 121 10.76 17.90 15.46
CA ASP A 121 10.62 16.69 16.27
C ASP A 121 11.73 16.70 17.33
N ALA A 122 12.97 16.93 16.88
CA ALA A 122 14.14 16.86 17.74
C ALA A 122 14.20 18.02 18.73
N MET A 123 13.65 19.16 18.33
CA MET A 123 13.58 20.32 19.20
C MET A 123 12.71 20.02 20.40
N LEU A 124 11.55 19.39 20.16
CA LEU A 124 10.61 19.05 21.24
C LEU A 124 11.16 17.98 22.19
N ILE A 125 11.79 16.94 21.65
CA ILE A 125 12.40 15.90 22.50
C ILE A 125 13.53 16.52 23.32
N ASP A 126 14.30 17.38 22.64
CA ASP A 126 15.28 18.23 23.28
C ASP A 126 14.69 19.03 24.45
N THR A 127 13.55 19.71 24.23
CA THR A 127 12.98 20.55 25.30
C THR A 127 12.46 19.78 26.51
N LEU A 128 11.91 18.59 26.29
CA LEU A 128 11.51 17.75 27.41
C LEU A 128 12.74 17.29 28.18
N ASP A 129 13.85 17.13 27.46
CA ASP A 129 15.09 16.62 28.05
C ASP A 129 15.71 17.61 29.03
N ASN A 130 15.33 18.88 28.92
CA ASN A 130 15.86 19.93 29.79
C ASN A 130 15.26 19.88 31.19
N PHE A 131 14.36 18.91 31.39
CA PHE A 131 13.79 18.64 32.71
C PHE A 131 14.30 17.30 33.28
N ARG A 132 15.47 16.89 32.78
CA ARG A 132 16.17 15.69 33.25
C ARG A 132 16.61 15.83 34.69
N GLY A 133 16.14 14.91 35.53
CA GLY A 133 16.52 14.89 36.94
C GLY A 133 15.59 15.67 37.85
N HIS A 134 16.18 16.58 38.62
CA HIS A 134 15.42 17.31 39.62
C HIS A 134 14.81 18.58 39.08
N ASN A 135 13.50 18.73 39.30
CA ASN A 135 12.78 19.95 39.04
C ASN A 135 12.13 20.41 40.33
N GLU A 136 11.75 21.68 40.41
CA GLU A 136 11.20 22.23 41.66
C GLU A 136 9.73 21.89 41.84
N PHE A 137 9.07 21.60 40.73
CA PHE A 137 7.70 21.13 40.72
C PHE A 137 7.68 19.60 40.69
N TRP A 138 6.62 19.02 41.23
CA TRP A 138 6.42 17.58 41.13
C TRP A 138 4.97 17.22 40.88
N TYR A 139 4.73 15.93 40.68
CA TYR A 139 3.41 15.44 40.35
C TYR A 139 2.92 14.47 41.40
N VAL A 140 1.61 14.46 41.63
CA VAL A 140 0.99 13.53 42.56
C VAL A 140 0.04 12.61 41.83
N SER A 141 -0.31 11.49 42.46
CA SER A 141 -1.31 10.57 41.94
C SER A 141 -2.66 11.29 41.91
N ARG A 142 -3.36 11.20 40.77
CA ARG A 142 -4.66 11.84 40.58
C ARG A 142 -5.70 11.44 41.65
N ASP A 143 -5.57 10.23 42.19
CA ASP A 143 -6.57 9.65 43.08
C ASP A 143 -6.15 9.51 44.54
N SER A 144 -5.01 10.11 44.90
CA SER A 144 -4.61 10.16 46.30
C SER A 144 -5.34 11.31 47.02
N GLU A 145 -4.94 11.56 48.26
CA GLU A 145 -5.52 12.67 49.03
C GLU A 145 -5.03 14.00 48.47
N GLU A 146 -3.70 14.16 48.39
CA GLU A 146 -3.08 15.40 47.91
C GLU A 146 -3.53 15.76 46.50
N GLY A 147 -3.88 14.74 45.71
CA GLY A 147 -4.45 14.91 44.36
C GLY A 147 -5.76 15.68 44.31
N GLN A 148 -6.58 15.51 45.34
CA GLN A 148 -7.80 16.31 45.52
C GLN A 148 -7.49 17.54 46.39
N GLN A 149 -6.77 18.50 45.83
CA GLN A 149 -6.36 19.72 46.56
C GLN A 149 -5.86 20.84 45.64
N ASP A 157 -9.83 20.27 34.77
CA ASP A 157 -10.19 20.26 33.34
C ASP A 157 -10.00 18.86 32.76
N LYS A 158 -8.76 18.54 32.39
CA LYS A 158 -8.36 17.18 31.97
C LYS A 158 -7.97 16.36 33.21
N TRP A 159 -8.99 15.83 33.89
CA TRP A 159 -8.84 15.07 35.15
C TRP A 159 -7.86 13.88 35.14
N TRP A 160 -7.44 13.41 33.97
CA TRP A 160 -6.60 12.21 33.91
C TRP A 160 -5.13 12.50 34.17
N LEU A 161 -4.79 13.79 34.16
CA LEU A 161 -3.42 14.22 34.33
C LEU A 161 -3.10 14.35 35.80
N PRO A 162 -1.97 13.76 36.23
CA PRO A 162 -1.50 13.91 37.60
C PRO A 162 -1.36 15.39 37.95
N PRO A 163 -2.15 15.88 38.92
CA PRO A 163 -2.04 17.27 39.35
C PRO A 163 -0.59 17.65 39.67
N VAL A 164 -0.16 18.79 39.15
CA VAL A 164 1.18 19.26 39.43
C VAL A 164 1.16 20.07 40.74
N LYS A 165 2.20 19.87 41.54
CA LYS A 165 2.38 20.63 42.80
C LYS A 165 3.71 21.41 42.74
N VAL A 166 3.74 22.54 43.45
CA VAL A 166 4.84 23.50 43.37
C VAL A 166 5.21 23.93 44.79
N PRO A 167 6.50 24.19 45.07
CA PRO A 167 6.86 24.57 46.45
C PRO A 167 5.97 25.69 46.98
N PRO A 168 5.51 25.59 48.24
CA PRO A 168 4.71 26.66 48.84
C PRO A 168 5.53 27.95 48.87
N GLY A 169 4.90 29.06 48.54
CA GLY A 169 5.61 30.33 48.42
C GLY A 169 6.47 30.37 47.16
N GLY A 170 5.93 29.84 46.07
CA GLY A 170 6.52 30.04 44.77
C GLY A 170 7.61 29.08 44.32
N LEU A 171 8.29 29.50 43.27
CA LEU A 171 9.26 28.70 42.55
C LEU A 171 10.49 29.59 42.49
N SER A 172 11.68 29.01 42.58
CA SER A 172 12.93 29.79 42.43
C SER A 172 12.94 30.52 41.09
N GLU A 173 13.35 31.78 41.09
CA GLU A 173 13.36 32.56 39.86
C GLU A 173 14.11 31.89 38.70
N PRO A 174 15.27 31.25 38.94
CA PRO A 174 15.89 30.49 37.85
C PRO A 174 15.05 29.33 37.29
N SER A 175 14.16 28.76 38.11
CA SER A 175 13.18 27.75 37.65
C SER A 175 12.09 28.37 36.77
N ARG A 176 11.49 29.47 37.23
CA ARG A 176 10.51 30.21 36.43
C ARG A 176 11.16 30.71 35.15
N ARG A 177 12.43 31.09 35.24
CA ARG A 177 13.15 31.60 34.08
C ARG A 177 13.11 30.59 32.94
N MET A 178 13.58 29.36 33.20
CA MET A 178 13.67 28.35 32.14
C MET A 178 12.30 27.91 31.62
N LEU A 179 11.33 27.86 32.51
CA LEU A 179 9.97 27.53 32.14
C LEU A 179 9.50 28.48 31.06
N TYR A 180 9.52 29.77 31.33
CA TYR A 180 9.14 30.76 30.33
C TYR A 180 9.95 30.62 29.04
N PHE A 181 11.24 30.30 29.17
CA PHE A 181 12.13 30.19 28.01
C PHE A 181 11.74 29.04 27.10
N GLN A 182 11.41 27.89 27.69
CA GLN A 182 11.08 26.71 26.89
C GLN A 182 9.70 26.84 26.24
N LYS A 183 8.75 27.40 27.00
CA LYS A 183 7.42 27.73 26.48
C LYS A 183 7.47 28.58 25.21
N ASP A 184 8.35 29.59 25.18
CA ASP A 184 8.51 30.39 23.98
C ASP A 184 9.09 29.53 22.87
N SER A 185 10.11 28.75 23.22
CA SER A 185 10.77 27.83 22.31
C SER A 185 9.77 26.87 21.69
N VAL A 186 8.90 26.30 22.52
CA VAL A 186 7.85 25.36 22.09
C VAL A 186 6.77 26.05 21.26
N THR A 187 6.42 27.29 21.64
CA THR A 187 5.40 28.05 20.94
C THR A 187 5.87 28.41 19.53
N GLN A 188 7.15 28.71 19.38
CA GLN A 188 7.71 28.91 18.07
C GLN A 188 7.76 27.59 17.29
N VAL A 189 7.93 26.47 18.00
CA VAL A 189 7.89 25.16 17.34
C VAL A 189 6.49 24.87 16.85
N GLN A 190 5.49 25.12 17.70
CA GLN A 190 4.10 24.87 17.32
C GLN A 190 3.71 25.64 16.05
N LYS A 191 4.08 26.92 15.99
CA LYS A 191 3.78 27.76 14.84
C LYS A 191 4.45 27.24 13.59
N ALA A 192 5.73 26.87 13.73
CA ALA A 192 6.49 26.37 12.61
C ALA A 192 5.73 25.21 11.97
N ALA A 193 5.29 24.27 12.80
CA ALA A 193 4.60 23.07 12.33
C ALA A 193 3.29 23.44 11.65
N MET A 194 2.48 24.27 12.32
CA MET A 194 1.20 24.70 11.77
C MET A 194 1.33 25.32 10.39
N ALA A 195 2.45 26.00 10.13
CA ALA A 195 2.67 26.66 8.85
C ALA A 195 2.85 25.62 7.74
N ILE A 196 3.61 24.58 8.06
CA ILE A 196 3.84 23.51 7.12
C ILE A 196 2.52 22.79 6.84
N ASN A 197 1.82 22.36 7.89
CA ASN A 197 0.47 21.80 7.78
C ASN A 197 -0.46 22.60 6.87
N ALA A 198 -0.57 23.90 7.13
CA ALA A 198 -1.43 24.78 6.36
C ALA A 198 -0.99 24.80 4.90
N GLN A 199 0.33 24.73 4.70
CA GLN A 199 0.92 24.76 3.37
C GLN A 199 0.56 23.47 2.63
N VAL A 200 0.78 22.30 3.23
CA VAL A 200 0.38 21.06 2.57
C VAL A 200 -1.09 21.13 2.22
N LEU A 201 -1.93 21.48 3.20
CA LEU A 201 -3.37 21.51 2.99
C LEU A 201 -3.83 22.37 1.81
N SER A 202 -3.16 23.51 1.57
CA SER A 202 -3.51 24.39 0.46
C SER A 202 -3.16 23.79 -0.91
N GLU A 203 -2.26 22.82 -0.92
CA GLU A 203 -1.80 22.23 -2.17
C GLU A 203 -2.43 20.87 -2.42
N MET A 204 -3.26 20.42 -1.49
CA MET A 204 -3.92 19.13 -1.63
C MET A 204 -5.13 19.32 -2.54
N GLU A 205 -5.41 18.35 -3.39
CA GLU A 205 -6.45 18.50 -4.39
C GLU A 205 -7.81 18.60 -3.74
N ILE A 206 -8.71 19.40 -4.32
CA ILE A 206 -10.08 19.46 -3.84
C ILE A 206 -10.84 18.24 -4.34
N PRO A 207 -11.28 17.39 -3.41
CA PRO A 207 -11.98 16.14 -3.73
C PRO A 207 -13.28 16.32 -4.51
N GLU A 208 -13.46 15.45 -5.50
CA GLU A 208 -14.69 15.40 -6.29
C GLU A 208 -15.93 15.36 -5.41
N SER A 209 -15.86 14.69 -4.27
CA SER A 209 -17.03 14.57 -3.38
C SER A 209 -17.37 15.88 -2.66
N TYR A 210 -16.38 16.75 -2.48
CA TYR A 210 -16.63 18.06 -1.88
C TYR A 210 -17.38 18.96 -2.85
N ILE A 211 -16.85 19.13 -4.06
CA ILE A 211 -17.51 19.96 -5.09
C ILE A 211 -18.99 19.56 -5.28
N ASP A 212 -19.26 18.26 -5.16
CA ASP A 212 -20.61 17.75 -5.28
C ASP A 212 -21.50 18.16 -4.10
N SER A 213 -20.92 18.27 -2.91
CA SER A 213 -21.66 18.68 -1.71
C SER A 213 -22.00 20.18 -1.71
N LEU A 214 -21.31 20.92 -2.58
CA LEU A 214 -21.47 22.38 -2.67
C LEU A 214 -22.89 22.78 -3.07
N PRO A 215 -23.41 23.87 -2.46
CA PRO A 215 -24.67 24.49 -2.90
C PRO A 215 -24.59 25.12 -4.30
N LYS A 216 -25.74 25.46 -4.88
CA LYS A 216 -25.83 25.97 -6.25
C LYS A 216 -25.02 27.27 -6.47
N ASN A 217 -24.99 28.13 -5.45
CA ASN A 217 -24.19 29.36 -5.51
C ASN A 217 -23.93 30.04 -4.16
N GLY A 218 -23.26 31.20 -4.24
CA GLY A 218 -22.85 31.98 -3.08
C GLY A 218 -23.91 32.24 -2.04
N ARG A 219 -24.99 32.94 -2.43
CA ARG A 219 -26.04 33.31 -1.49
C ARG A 219 -26.51 32.11 -0.66
N ALA A 220 -26.87 31.01 -1.34
CA ALA A 220 -27.29 29.77 -0.68
C ALA A 220 -26.27 29.26 0.36
N SER A 221 -24.99 29.28 0.01
CA SER A 221 -23.93 28.88 0.96
C SER A 221 -23.67 29.91 2.07
N LEU A 222 -23.69 31.19 1.71
CA LEU A 222 -23.43 32.26 2.67
C LEU A 222 -24.58 32.56 3.59
N GLY A 223 -25.81 32.36 3.10
CA GLY A 223 -27.01 32.78 3.82
C GLY A 223 -27.38 34.18 3.42
N ASP A 224 -28.66 34.53 3.60
CA ASP A 224 -29.20 35.79 3.10
C ASP A 224 -28.48 37.06 3.59
N SER A 225 -28.41 37.25 4.90
CA SER A 225 -27.81 38.47 5.47
C SER A 225 -26.29 38.55 5.30
N ILE A 226 -25.59 37.41 5.44
CA ILE A 226 -24.17 37.34 5.18
C ILE A 226 -23.87 37.71 3.74
N TYR A 227 -24.67 37.20 2.80
CA TYR A 227 -24.44 37.51 1.40
C TYR A 227 -24.63 39.01 1.12
N LYS A 228 -25.59 39.64 1.77
CA LYS A 228 -25.83 41.09 1.64
C LYS A 228 -24.70 41.93 2.24
N SER A 229 -24.09 41.44 3.32
CA SER A 229 -22.97 42.13 3.96
C SER A 229 -21.71 42.07 3.08
N ILE A 230 -21.46 40.91 2.49
CA ILE A 230 -20.27 40.73 1.66
C ILE A 230 -20.43 41.37 0.29
N THR A 231 -21.63 41.88 0.01
CA THR A 231 -21.93 42.46 -1.30
C THR A 231 -22.37 43.92 -1.25
N GLU A 232 -22.28 44.52 -0.06
CA GLU A 232 -22.59 45.94 0.14
C GLU A 232 -21.73 46.82 -0.77
N GLU A 233 -21.98 48.13 -0.73
CA GLU A 233 -21.15 49.08 -1.47
C GLU A 233 -19.72 49.04 -0.89
N TRP A 234 -19.57 49.46 0.36
CA TRP A 234 -18.30 49.39 1.07
C TRP A 234 -18.26 48.16 1.98
N PHE A 235 -17.06 47.61 2.18
CA PHE A 235 -16.90 46.44 3.07
C PHE A 235 -15.68 46.54 3.97
N ASP A 236 -15.92 46.31 5.25
CA ASP A 236 -14.87 46.26 6.27
C ASP A 236 -14.92 44.92 7.02
N PRO A 237 -13.93 44.05 6.78
CA PRO A 237 -13.94 42.74 7.41
C PRO A 237 -13.88 42.81 8.95
N GLU A 238 -13.37 43.91 9.49
CA GLU A 238 -13.35 44.14 10.92
C GLU A 238 -14.76 44.38 11.47
N GLN A 239 -15.49 45.32 10.85
CA GLN A 239 -16.87 45.60 11.24
C GLN A 239 -17.71 44.34 11.06
N PHE A 240 -17.62 43.73 9.88
CA PHE A 240 -18.34 42.51 9.54
C PHE A 240 -18.37 41.48 10.67
N LEU A 241 -17.19 41.02 11.08
CA LEU A 241 -17.03 40.05 12.15
C LEU A 241 -17.59 40.52 13.50
N ALA A 242 -17.33 41.77 13.85
CA ALA A 242 -17.86 42.32 15.09
C ALA A 242 -19.39 42.21 15.14
N MET A 243 -20.01 42.34 13.97
CA MET A 243 -21.48 42.27 13.83
C MET A 243 -22.04 40.89 14.15
N LEU A 244 -21.27 39.85 13.85
CA LEU A 244 -21.74 38.46 13.96
C LEU A 244 -21.42 37.82 15.29
N ASP A 245 -22.20 36.81 15.64
CA ASP A 245 -22.01 36.02 16.85
C ASP A 245 -20.79 35.09 16.73
N MET A 246 -19.67 35.51 17.32
CA MET A 246 -18.44 34.72 17.31
C MET A 246 -18.16 34.12 18.67
N SER A 247 -19.20 34.04 19.51
CA SER A 247 -19.06 33.67 20.92
C SER A 247 -18.53 32.24 21.14
N THR A 248 -18.93 31.31 20.27
CA THR A 248 -18.48 29.95 20.41
C THR A 248 -17.58 29.53 19.25
N GLU A 249 -16.67 28.60 19.54
CA GLU A 249 -15.76 28.07 18.53
C GLU A 249 -16.48 27.32 17.42
N HIS A 250 -17.67 26.77 17.71
CA HIS A 250 -18.47 26.09 16.68
C HIS A 250 -18.99 27.09 15.65
N LYS A 251 -19.25 28.31 16.10
CA LYS A 251 -19.83 29.34 15.26
C LYS A 251 -18.81 29.91 14.29
N VAL A 252 -17.62 30.22 14.79
CA VAL A 252 -16.51 30.62 13.93
C VAL A 252 -16.28 29.52 12.90
N LEU A 253 -16.30 28.27 13.34
CA LEU A 253 -16.14 27.11 12.47
C LEU A 253 -17.18 27.13 11.34
N ASP A 254 -18.45 27.33 11.69
CA ASP A 254 -19.54 27.34 10.70
C ASP A 254 -19.36 28.46 9.68
N LEU A 255 -18.92 29.63 10.16
CA LEU A 255 -18.70 30.76 9.27
C LEU A 255 -17.57 30.46 8.30
N LYS A 256 -16.43 30.01 8.85
CA LYS A 256 -15.25 29.64 8.05
C LYS A 256 -15.62 28.64 6.96
N ASN A 257 -16.41 27.63 7.32
CA ASN A 257 -16.86 26.64 6.35
C ASN A 257 -17.75 27.21 5.25
N ARG A 258 -18.67 28.11 5.63
CA ARG A 258 -19.54 28.81 4.69
C ARG A 258 -18.77 29.70 3.72
N ILE A 259 -17.77 30.42 4.23
CA ILE A 259 -16.96 31.31 3.42
C ILE A 259 -16.11 30.50 2.44
N GLU A 260 -15.47 29.47 2.98
CA GLU A 260 -14.65 28.56 2.23
C GLU A 260 -15.45 27.95 1.09
N ALA A 261 -16.67 27.50 1.38
CA ALA A 261 -17.57 26.94 0.38
C ALA A 261 -17.79 27.90 -0.77
N SER A 262 -18.07 29.16 -0.44
CA SER A 262 -18.21 30.22 -1.42
C SER A 262 -16.98 30.30 -2.30
N VAL A 263 -15.83 30.56 -1.69
CA VAL A 263 -14.59 30.77 -2.45
C VAL A 263 -14.38 29.69 -3.50
N VAL A 264 -14.58 28.42 -3.12
CA VAL A 264 -14.47 27.31 -4.05
C VAL A 264 -15.42 27.48 -5.25
N ILE A 265 -16.69 27.77 -4.96
CA ILE A 265 -17.69 28.02 -6.00
C ILE A 265 -17.21 29.13 -6.92
N TRP A 266 -17.18 30.36 -6.41
CA TRP A 266 -16.74 31.54 -7.16
C TRP A 266 -15.49 31.34 -8.02
N LYS A 267 -14.48 30.67 -7.48
CA LYS A 267 -13.28 30.36 -8.27
C LYS A 267 -13.57 29.28 -9.32
N ARG A 268 -14.77 29.33 -9.90
CA ARG A 268 -15.15 28.46 -11.04
C ARG A 268 -16.11 29.14 -12.07
N LYS A 287 -16.40 42.61 -11.55
CA LYS A 287 -17.03 41.28 -11.56
C LYS A 287 -17.01 40.63 -10.16
N ARG A 288 -17.31 39.33 -10.13
CA ARG A 288 -17.39 38.53 -8.90
C ARG A 288 -16.07 38.40 -8.12
N GLU A 289 -14.98 38.91 -8.69
CA GLU A 289 -13.65 38.83 -8.04
C GLU A 289 -13.56 39.67 -6.76
N LEU A 290 -14.30 40.79 -6.74
CA LEU A 290 -14.40 41.64 -5.55
C LEU A 290 -14.91 40.83 -4.35
N PHE A 291 -16.11 40.27 -4.49
CA PHE A 291 -16.72 39.43 -3.44
C PHE A 291 -15.80 38.27 -3.09
N GLU A 292 -15.11 37.77 -4.11
CA GLU A 292 -14.13 36.69 -3.95
C GLU A 292 -12.91 37.16 -3.14
N GLU A 293 -12.39 38.34 -3.46
CA GLU A 293 -11.27 38.94 -2.72
C GLU A 293 -11.69 39.30 -1.31
N ARG A 294 -12.90 39.82 -1.18
CA ARG A 294 -13.46 40.18 0.12
C ARG A 294 -13.50 38.98 1.06
N ALA A 295 -13.95 37.84 0.54
CA ALA A 295 -14.10 36.63 1.34
C ALA A 295 -12.76 36.10 1.83
N GLU A 296 -11.78 36.08 0.93
CA GLU A 296 -10.42 35.68 1.29
C GLU A 296 -9.76 36.62 2.31
N THR A 297 -10.17 37.89 2.33
CA THR A 297 -9.71 38.82 3.38
C THR A 297 -10.23 38.38 4.74
N ILE A 298 -11.48 37.93 4.78
CA ILE A 298 -12.11 37.47 6.01
C ILE A 298 -11.41 36.20 6.48
N LEU A 299 -11.17 35.28 5.56
CA LEU A 299 -10.51 34.03 5.88
C LEU A 299 -9.20 34.22 6.62
N VAL A 300 -8.38 35.15 6.12
CA VAL A 300 -7.11 35.48 6.73
C VAL A 300 -7.32 35.99 8.15
N LEU A 301 -8.27 36.92 8.31
CA LEU A 301 -8.63 37.45 9.63
C LEU A 301 -9.09 36.36 10.58
N LEU A 302 -9.85 35.41 10.05
CA LEU A 302 -10.31 34.31 10.88
C LEU A 302 -9.13 33.53 11.41
N LYS A 303 -8.12 33.32 10.56
CA LYS A 303 -6.90 32.64 10.98
C LYS A 303 -6.15 33.43 12.05
N GLN A 304 -6.17 34.75 11.93
CA GLN A 304 -5.41 35.60 12.84
C GLN A 304 -6.11 35.77 14.19
N LYS A 305 -7.42 35.97 14.17
CA LYS A 305 -8.17 36.11 15.43
C LYS A 305 -8.43 34.76 16.12
N PHE A 306 -8.29 33.66 15.38
CA PHE A 306 -8.49 32.30 15.90
C PHE A 306 -7.40 31.34 15.41
N PRO A 307 -6.17 31.51 15.92
CA PRO A 307 -5.08 30.65 15.47
C PRO A 307 -5.27 29.19 15.90
N GLY A 308 -6.23 28.94 16.80
CA GLY A 308 -6.42 27.61 17.33
C GLY A 308 -7.51 26.72 16.73
N LEU A 309 -8.22 27.18 15.70
CA LEU A 309 -9.43 26.49 15.21
C LEU A 309 -9.22 25.05 14.72
N PRO A 310 -10.15 24.13 15.05
CA PRO A 310 -10.18 22.81 14.40
C PRO A 310 -10.34 22.93 12.88
N GLN A 311 -9.94 21.88 12.16
CA GLN A 311 -9.89 21.98 10.70
C GLN A 311 -11.26 22.03 10.01
N SER A 312 -11.30 22.78 8.92
CA SER A 312 -12.56 23.05 8.24
C SER A 312 -13.04 21.82 7.48
N SER A 313 -14.31 21.85 7.05
CA SER A 313 -14.87 20.77 6.22
C SER A 313 -13.94 20.43 5.06
N LEU A 314 -13.52 21.47 4.35
CA LEU A 314 -12.62 21.29 3.22
C LEU A 314 -11.34 20.57 3.66
N ASP A 315 -10.64 21.11 4.67
CA ASP A 315 -9.46 20.44 5.22
C ASP A 315 -9.76 18.95 5.45
N ILE A 316 -10.82 18.66 6.21
CA ILE A 316 -11.18 17.29 6.46
C ILE A 316 -11.33 16.54 5.16
N SER A 317 -12.06 17.11 4.23
CA SER A 317 -12.34 16.42 2.96
C SER A 317 -11.09 16.06 2.17
N LYS A 318 -10.16 17.02 2.15
CA LYS A 318 -8.90 16.87 1.46
C LYS A 318 -8.14 15.70 2.03
N ILE A 319 -8.02 15.66 3.36
CA ILE A 319 -7.35 14.54 4.03
C ILE A 319 -8.08 13.21 3.79
N GLN A 320 -9.42 13.23 3.89
CA GLN A 320 -10.24 12.04 3.70
C GLN A 320 -9.93 11.33 2.39
N PHE A 321 -9.77 12.10 1.31
CA PHE A 321 -9.69 11.51 -0.02
C PHE A 321 -8.30 11.55 -0.70
N ASN A 322 -7.39 12.35 -0.15
CA ASN A 322 -6.04 12.48 -0.68
C ASN A 322 -5.37 11.14 -0.99
N LYS A 323 -4.81 11.03 -2.19
CA LYS A 323 -4.11 9.81 -2.62
C LYS A 323 -2.60 10.02 -2.68
N ASP A 324 -2.18 11.28 -2.57
CA ASP A 324 -0.78 11.63 -2.63
C ASP A 324 -0.07 11.25 -1.33
N VAL A 325 0.72 10.18 -1.37
CA VAL A 325 1.35 9.70 -0.15
C VAL A 325 2.36 10.67 0.44
N GLY A 326 2.98 11.48 -0.42
CA GLY A 326 3.94 12.49 0.05
C GLY A 326 3.26 13.53 0.92
N GLN A 327 2.16 14.07 0.40
CA GLN A 327 1.37 15.06 1.13
C GLN A 327 0.68 14.46 2.36
N ALA A 328 0.19 13.23 2.22
CA ALA A 328 -0.32 12.49 3.36
C ALA A 328 0.68 12.55 4.52
N VAL A 329 1.94 12.24 4.24
CA VAL A 329 2.94 12.19 5.30
C VAL A 329 3.23 13.57 5.88
N LEU A 330 3.41 14.56 5.00
CA LEU A 330 3.65 15.95 5.40
C LEU A 330 2.54 16.49 6.29
N GLU A 331 1.28 16.24 5.91
CA GLU A 331 0.15 16.75 6.69
C GLU A 331 -0.01 16.13 8.08
N SER A 332 0.09 14.82 8.20
CA SER A 332 -0.13 14.17 9.48
C SER A 332 1.08 14.31 10.39
N TYR A 333 2.27 14.22 9.83
CA TYR A 333 3.46 14.47 10.61
C TYR A 333 3.45 15.89 11.20
N SER A 334 3.09 16.89 10.40
CA SER A 334 3.02 18.26 10.88
C SER A 334 1.94 18.39 11.94
N ARG A 335 0.87 17.62 11.78
CA ARG A 335 -0.26 17.68 12.69
C ARG A 335 0.10 17.14 14.07
N ILE A 336 0.72 15.96 14.12
CA ILE A 336 1.07 15.37 15.40
C ILE A 336 2.12 16.19 16.14
N LEU A 337 2.99 16.84 15.37
CA LEU A 337 4.03 17.68 15.91
C LEU A 337 3.44 18.93 16.49
N GLU A 338 2.47 19.49 15.79
CA GLU A 338 1.71 20.60 16.31
C GLU A 338 1.12 20.25 17.67
N SER A 339 0.65 19.02 17.79
CA SER A 339 -0.06 18.61 19.00
C SER A 339 0.87 18.09 20.09
N LEU A 340 2.08 17.67 19.71
CA LEU A 340 3.09 17.43 20.72
C LEU A 340 3.49 18.78 21.30
N ALA A 341 3.87 19.70 20.42
CA ALA A 341 4.19 21.06 20.81
C ALA A 341 3.16 21.60 21.77
N TYR A 342 1.88 21.36 21.47
CA TYR A 342 0.80 21.82 22.34
C TYR A 342 0.80 21.12 23.68
N THR A 343 1.07 19.82 23.70
CA THR A 343 1.11 19.05 24.96
C THR A 343 2.14 19.67 25.89
N VAL A 344 3.33 19.96 25.37
CA VAL A 344 4.39 20.55 26.16
C VAL A 344 4.03 21.97 26.61
N MET A 345 3.52 22.79 25.70
CA MET A 345 3.02 24.14 26.07
C MET A 345 2.00 24.01 27.17
N SER A 346 1.10 23.05 27.03
CA SER A 346 0.08 22.77 28.02
C SER A 346 0.74 22.44 29.38
N ARG A 347 1.64 21.46 29.36
CA ARG A 347 2.30 20.96 30.56
C ARG A 347 3.19 21.98 31.28
N ILE A 348 3.81 22.88 30.52
CA ILE A 348 4.54 24.02 31.08
C ILE A 348 3.55 24.96 31.77
N GLU A 349 2.56 25.42 31.01
CA GLU A 349 1.52 26.34 31.49
C GLU A 349 0.85 25.89 32.78
N ASP A 350 0.83 24.59 33.03
CA ASP A 350 0.31 24.09 34.30
C ASP A 350 1.20 24.53 35.45
N VAL A 351 2.47 24.17 35.39
CA VAL A 351 3.44 24.60 36.39
C VAL A 351 3.32 26.10 36.66
N LEU A 352 3.32 26.90 35.60
CA LEU A 352 3.30 28.36 35.72
C LEU A 352 2.05 28.89 36.39
N TYR A 353 0.90 28.42 35.92
CA TYR A 353 -0.37 28.72 36.56
C TYR A 353 -0.32 28.32 38.04
N THR A 354 0.24 27.14 38.31
CA THR A 354 0.30 26.61 39.68
C THR A 354 1.22 27.46 40.56
N ASP A 355 2.34 27.89 39.98
CA ASP A 355 3.26 28.80 40.65
C ASP A 355 2.51 30.07 41.00
N THR A 356 1.85 30.66 40.01
CA THR A 356 1.09 31.89 40.16
C THR A 356 0.07 31.81 41.30
N LEU A 357 -0.71 30.72 41.36
CA LEU A 357 -1.69 30.52 42.43
C LEU A 357 -1.07 30.53 43.83
N ALA A 358 0.06 29.83 43.97
CA ALA A 358 0.79 29.77 45.25
C ALA A 358 1.35 31.13 45.70
N LEU A 359 1.67 32.00 44.75
CA LEU A 359 2.09 33.37 45.05
C LEU A 359 0.90 34.24 45.46
N LYS A 360 -0.21 34.07 44.75
CA LYS A 360 -1.47 34.78 45.04
C LYS A 360 -2.05 34.36 46.39
N GLN A 361 -1.51 33.30 46.96
CA GLN A 361 -1.86 32.88 48.33
C GLN A 361 -1.06 33.66 49.38
N THR A 362 -0.48 34.80 48.97
CA THR A 362 0.32 35.67 49.83
C THR A 362 0.43 37.06 49.19
N LEU A 363 1.50 37.27 48.43
CA LEU A 363 1.62 38.41 47.49
C LEU A 363 2.82 38.20 46.56
N ALA B 9 21.80 -3.15 7.10
CA ALA B 9 21.89 -4.00 5.88
C ALA B 9 20.51 -4.55 5.46
N ASP B 10 19.85 -5.25 6.40
CA ASP B 10 18.50 -5.78 6.17
C ASP B 10 17.41 -4.92 6.82
N MET B 11 17.76 -3.67 7.10
CA MET B 11 16.80 -2.62 7.41
C MET B 11 16.71 -1.77 6.13
N GLU B 12 17.86 -1.28 5.68
CA GLU B 12 17.96 -0.47 4.47
C GLU B 12 17.33 -1.12 3.24
N MET B 13 17.60 -2.41 3.04
CA MET B 13 17.06 -3.15 1.89
C MET B 13 15.57 -3.44 2.05
N MET B 14 15.18 -3.87 3.24
CA MET B 14 13.78 -4.23 3.52
C MET B 14 12.83 -3.05 3.45
N LYS B 15 13.05 -2.04 4.29
CA LYS B 15 12.22 -0.82 4.27
C LYS B 15 12.10 -0.35 2.83
N ASP B 16 13.23 -0.04 2.20
CA ASP B 16 13.26 0.23 0.76
C ASP B 16 12.20 -0.54 -0.05
N ARG B 17 12.17 -1.87 0.07
CA ARG B 17 11.28 -2.71 -0.76
C ARG B 17 9.81 -2.44 -0.43
N PHE B 18 9.49 -2.38 0.86
CA PHE B 18 8.11 -2.12 1.29
C PHE B 18 7.62 -0.72 0.94
N ALA B 19 8.55 0.23 0.81
CA ALA B 19 8.21 1.60 0.47
C ALA B 19 7.63 1.63 -0.92
N LYS B 20 8.44 1.30 -1.93
CA LYS B 20 8.00 1.34 -3.32
C LYS B 20 6.68 0.56 -3.54
N LEU B 21 6.34 -0.28 -2.57
CA LEU B 21 5.08 -0.99 -2.59
C LEU B 21 3.95 -0.09 -2.13
N LEU B 22 4.18 0.65 -1.04
CA LEU B 22 3.20 1.61 -0.54
C LEU B 22 2.90 2.66 -1.60
N LEU B 23 3.78 2.76 -2.57
CA LEU B 23 3.76 3.83 -3.54
C LEU B 23 3.02 3.41 -4.79
N GLY B 24 2.60 2.14 -4.81
CA GLY B 24 1.84 1.57 -5.92
C GLY B 24 2.61 1.67 -7.21
N GLU B 25 3.93 1.65 -7.09
CA GLU B 25 4.86 1.82 -8.22
C GLU B 25 4.93 3.26 -8.76
N ASP B 26 4.04 4.12 -8.29
CA ASP B 26 4.03 5.50 -8.76
C ASP B 26 5.03 6.34 -7.98
N MET B 27 6.27 6.38 -8.48
CA MET B 27 7.40 6.98 -7.76
C MET B 27 7.32 8.47 -7.64
N SER B 28 6.41 9.09 -8.37
CA SER B 28 6.17 10.52 -8.18
C SER B 28 5.36 10.78 -6.91
N GLY B 29 4.86 9.69 -6.32
CA GLY B 29 4.24 9.67 -4.99
C GLY B 29 2.86 10.27 -4.94
N GLY B 30 2.36 10.69 -6.10
CA GLY B 30 1.06 11.33 -6.23
C GLY B 30 -0.09 10.34 -6.16
N GLY B 31 0.21 9.08 -5.84
CA GLY B 31 -0.81 8.08 -5.62
C GLY B 31 -1.56 7.63 -6.85
N LYS B 32 -1.23 8.18 -8.01
CA LYS B 32 -1.83 7.70 -9.26
C LYS B 32 -1.17 6.38 -9.72
N GLY B 33 -0.86 5.52 -8.74
CA GLY B 33 -0.19 4.28 -9.02
C GLY B 33 -1.11 3.12 -9.28
N VAL B 34 -0.83 2.01 -8.60
CA VAL B 34 -1.48 0.74 -8.86
C VAL B 34 -1.91 0.15 -7.51
N SER B 35 -2.92 -0.72 -7.50
CA SER B 35 -3.43 -1.28 -6.25
C SER B 35 -2.31 -1.95 -5.45
N SER B 36 -2.50 -2.12 -4.16
CA SER B 36 -1.52 -2.87 -3.37
C SER B 36 -1.38 -4.32 -3.82
N ALA B 37 -2.52 -4.95 -4.13
CA ALA B 37 -2.54 -6.28 -4.73
C ALA B 37 -1.61 -6.38 -5.95
N LEU B 38 -1.79 -5.50 -6.92
CA LEU B 38 -1.01 -5.57 -8.15
C LEU B 38 0.48 -5.27 -7.91
N ALA B 39 0.79 -4.28 -7.08
CA ALA B 39 2.19 -3.97 -6.77
C ALA B 39 2.91 -5.21 -6.25
N LEU B 40 2.33 -5.84 -5.22
CA LEU B 40 2.84 -7.07 -4.63
C LEU B 40 2.98 -8.18 -5.64
N SER B 41 1.96 -8.31 -6.48
CA SER B 41 1.89 -9.34 -7.50
C SER B 41 3.03 -9.17 -8.47
N ASN B 42 3.32 -7.93 -8.81
CA ASN B 42 4.46 -7.59 -9.65
C ASN B 42 5.77 -7.84 -8.94
N ALA B 43 5.86 -7.42 -7.67
CA ALA B 43 7.10 -7.59 -6.91
C ALA B 43 7.51 -9.06 -6.86
N ILE B 44 6.52 -9.94 -6.65
CA ILE B 44 6.76 -11.37 -6.61
C ILE B 44 7.31 -11.83 -7.97
N THR B 45 6.66 -11.45 -9.06
CA THR B 45 7.14 -11.90 -10.35
C THR B 45 8.55 -11.35 -10.71
N ASN B 46 8.73 -10.03 -10.56
CA ASN B 46 10.02 -9.40 -10.85
C ASN B 46 11.22 -10.02 -10.12
N LEU B 47 11.03 -10.37 -8.84
CA LEU B 47 12.09 -10.94 -8.01
C LEU B 47 12.44 -12.31 -8.52
N ALA B 48 11.42 -13.13 -8.75
CA ALA B 48 11.62 -14.50 -9.25
C ALA B 48 12.40 -14.49 -10.57
N ALA B 49 11.92 -13.72 -11.56
CA ALA B 49 12.63 -13.51 -12.81
C ALA B 49 14.12 -13.23 -12.55
N SER B 50 14.38 -12.22 -11.73
CA SER B 50 15.73 -11.82 -11.33
C SER B 50 16.57 -12.93 -10.71
N ILE B 51 15.96 -13.73 -9.83
CA ILE B 51 16.71 -14.79 -9.14
C ILE B 51 16.97 -16.04 -10.00
N PHE B 52 15.95 -16.47 -10.76
CA PHE B 52 16.09 -17.68 -11.57
C PHE B 52 16.53 -17.42 -13.02
N GLY B 53 16.74 -16.15 -13.35
CA GLY B 53 17.35 -15.81 -14.64
C GLY B 53 18.79 -16.29 -14.67
N GLU B 54 19.50 -16.07 -13.56
CA GLU B 54 20.90 -16.50 -13.43
C GLU B 54 21.04 -17.97 -13.08
N GLN B 55 20.06 -18.53 -12.36
CA GLN B 55 20.04 -19.96 -12.05
C GLN B 55 19.77 -20.77 -13.34
N THR B 56 20.81 -20.85 -14.15
CA THR B 56 20.75 -21.26 -15.54
C THR B 56 21.35 -22.66 -15.75
N LYS B 57 21.88 -23.23 -14.68
CA LYS B 57 22.49 -24.55 -14.71
C LYS B 57 21.77 -25.49 -13.75
N LEU B 58 21.87 -26.79 -14.03
CA LEU B 58 21.31 -27.80 -13.16
C LEU B 58 22.29 -28.12 -12.04
N GLN B 59 22.29 -27.27 -11.01
CA GLN B 59 23.22 -27.34 -9.88
C GLN B 59 22.64 -26.55 -8.69
N PRO B 60 23.20 -26.73 -7.47
CA PRO B 60 22.60 -26.05 -6.32
C PRO B 60 22.61 -24.55 -6.49
N MET B 61 21.54 -23.90 -6.03
CA MET B 61 21.46 -22.44 -6.03
C MET B 61 22.60 -21.87 -5.16
N PRO B 62 23.45 -21.03 -5.75
CA PRO B 62 24.55 -20.39 -5.04
C PRO B 62 24.10 -19.91 -3.65
N GLN B 63 24.63 -20.54 -2.60
CA GLN B 63 24.17 -20.35 -1.19
C GLN B 63 23.71 -18.92 -0.78
N ASP B 64 24.43 -17.90 -1.27
CA ASP B 64 24.04 -16.51 -1.02
C ASP B 64 22.69 -16.19 -1.66
N ARG B 65 22.59 -16.31 -2.98
CA ARG B 65 21.32 -16.12 -3.70
C ARG B 65 20.17 -16.87 -3.04
N GLN B 66 20.45 -18.06 -2.52
CA GLN B 66 19.48 -18.86 -1.79
C GLN B 66 18.96 -18.15 -0.53
N ALA B 67 19.87 -17.50 0.20
CA ALA B 67 19.50 -16.71 1.38
C ALA B 67 18.73 -15.42 0.99
N ARG B 68 19.14 -14.81 -0.12
CA ARG B 68 18.46 -13.66 -0.68
C ARG B 68 17.03 -14.08 -0.95
N TRP B 69 16.90 -15.08 -1.82
CA TRP B 69 15.62 -15.64 -2.19
C TRP B 69 14.74 -15.93 -0.99
N LYS B 70 15.29 -16.56 0.05
CA LYS B 70 14.47 -16.96 1.21
C LYS B 70 13.89 -15.75 1.91
N LYS B 71 14.75 -14.79 2.25
CA LYS B 71 14.37 -13.57 2.99
C LYS B 71 13.46 -12.65 2.17
N GLU B 72 13.76 -12.49 0.89
CA GLU B 72 13.04 -11.57 0.03
C GLU B 72 11.59 -11.99 -0.23
N ILE B 73 11.41 -13.28 -0.52
CA ILE B 73 10.09 -13.87 -0.68
C ILE B 73 9.37 -13.90 0.65
N ASP B 74 10.13 -14.13 1.72
CA ASP B 74 9.62 -14.07 3.09
C ASP B 74 8.97 -12.71 3.38
N TRP B 75 9.55 -11.62 2.86
CA TRP B 75 9.00 -10.28 3.11
C TRP B 75 7.67 -10.06 2.38
N LEU B 76 7.64 -10.37 1.09
CA LEU B 76 6.44 -10.18 0.26
C LEU B 76 5.25 -11.05 0.68
N LEU B 77 5.56 -12.21 1.27
CA LEU B 77 4.55 -13.15 1.68
C LEU B 77 3.88 -12.78 3.00
N SER B 78 4.53 -11.92 3.78
CA SER B 78 4.14 -11.61 5.17
C SER B 78 2.80 -10.92 5.32
N VAL B 79 2.38 -10.20 4.29
CA VAL B 79 1.06 -9.62 4.23
C VAL B 79 -0.02 -10.66 4.49
N THR B 80 0.27 -11.90 4.13
CA THR B 80 -0.73 -12.94 4.18
C THR B 80 -0.93 -13.44 5.61
N ASP B 81 0.08 -13.27 6.47
CA ASP B 81 -0.05 -13.57 7.90
C ASP B 81 -1.09 -12.66 8.58
N HIS B 82 -1.42 -11.54 7.96
CA HIS B 82 -2.36 -10.59 8.55
C HIS B 82 -3.74 -10.50 7.87
N ILE B 83 -4.00 -11.40 6.92
CA ILE B 83 -5.30 -11.42 6.22
C ILE B 83 -6.20 -12.43 6.90
N VAL B 84 -7.26 -11.93 7.56
CA VAL B 84 -7.99 -12.75 8.52
C VAL B 84 -9.47 -12.95 8.24
N GLU B 85 -10.02 -13.91 8.97
CA GLU B 85 -11.44 -14.02 9.19
C GLU B 85 -11.71 -13.55 10.60
N PHE B 86 -12.78 -12.76 10.76
CA PHE B 86 -13.14 -12.22 12.05
C PHE B 86 -14.44 -12.89 12.51
N VAL B 87 -14.32 -13.97 13.28
CA VAL B 87 -15.46 -14.84 13.53
C VAL B 87 -15.89 -14.95 14.99
N PRO B 88 -17.22 -14.98 15.26
CA PRO B 88 -17.69 -15.19 16.63
C PRO B 88 -17.12 -16.45 17.24
N SER B 89 -16.78 -16.39 18.53
CA SER B 89 -16.30 -17.55 19.29
C SER B 89 -16.58 -17.40 20.78
N GLN B 90 -15.94 -18.25 21.59
CA GLN B 90 -16.11 -18.24 23.05
C GLN B 90 -14.83 -18.63 23.77
N GLN B 91 -14.76 -18.23 25.04
CA GLN B 91 -13.71 -18.64 25.97
C GLN B 91 -14.25 -18.62 27.39
N THR B 92 -13.73 -19.53 28.21
CA THR B 92 -14.19 -19.75 29.58
C THR B 92 -13.04 -19.42 30.52
N SER B 93 -13.33 -18.65 31.55
CA SER B 93 -12.29 -18.18 32.45
C SER B 93 -11.85 -19.30 33.37
N LYS B 94 -10.77 -19.05 34.11
CA LYS B 94 -10.27 -20.01 35.08
C LYS B 94 -11.30 -20.25 36.21
N ASP B 95 -12.46 -19.62 36.10
CA ASP B 95 -13.52 -19.75 37.10
C ASP B 95 -14.83 -20.25 36.52
N GLY B 96 -14.81 -20.60 35.23
CA GLY B 96 -15.97 -21.16 34.58
C GLY B 96 -16.91 -20.16 33.96
N VAL B 97 -16.56 -18.86 33.98
CA VAL B 97 -17.37 -17.84 33.33
C VAL B 97 -17.11 -17.92 31.83
N CYS B 98 -18.18 -17.99 31.06
CA CYS B 98 -18.12 -18.08 29.59
C CYS B 98 -18.35 -16.73 28.91
N THR B 99 -17.33 -16.23 28.24
CA THR B 99 -17.40 -14.92 27.61
C THR B 99 -17.43 -15.10 26.11
N GLU B 100 -18.33 -14.36 25.46
CA GLU B 100 -18.41 -14.41 24.01
C GLU B 100 -17.52 -13.36 23.41
N ILE B 101 -16.56 -13.83 22.62
CA ILE B 101 -15.51 -12.99 22.09
C ILE B 101 -15.50 -13.08 20.59
N MET B 102 -14.61 -12.31 19.98
CA MET B 102 -14.44 -12.30 18.55
C MET B 102 -13.00 -12.73 18.29
N VAL B 103 -12.81 -13.67 17.39
CA VAL B 103 -11.49 -14.25 17.16
C VAL B 103 -10.99 -13.91 15.77
N THR B 104 -9.69 -13.71 15.65
CA THR B 104 -9.05 -13.65 14.33
C THR B 104 -8.30 -14.96 14.06
N ARG B 105 -8.47 -15.47 12.84
CA ARG B 105 -7.75 -16.65 12.37
C ARG B 105 -7.46 -16.42 10.88
N GLN B 106 -6.35 -16.94 10.39
CA GLN B 106 -5.95 -16.73 9.00
C GLN B 106 -7.06 -17.09 8.01
N ARG B 107 -7.19 -16.29 6.96
CA ARG B 107 -8.22 -16.51 5.95
C ARG B 107 -8.11 -17.91 5.34
N GLY B 108 -9.26 -18.56 5.21
CA GLY B 108 -9.35 -19.93 4.70
C GLY B 108 -8.40 -20.19 3.56
N ASP B 109 -8.61 -19.50 2.44
CA ASP B 109 -7.84 -19.75 1.20
C ASP B 109 -6.32 -19.61 1.34
N LEU B 110 -5.87 -18.98 2.41
CA LEU B 110 -4.42 -18.76 2.63
C LEU B 110 -3.82 -19.71 3.66
N LEU B 111 -4.64 -20.10 4.64
CA LEU B 111 -4.23 -20.96 5.74
C LEU B 111 -3.67 -22.29 5.22
N MET B 112 -4.20 -22.77 4.10
CA MET B 112 -3.71 -24.03 3.52
C MET B 112 -2.76 -23.85 2.33
N ASN B 113 -2.92 -22.78 1.56
CA ASN B 113 -2.14 -22.65 0.34
C ASN B 113 -0.77 -22.02 0.51
N ILE B 114 -0.65 -21.04 1.40
CA ILE B 114 0.65 -20.44 1.66
C ILE B 114 1.67 -21.47 2.20
N PRO B 115 1.27 -22.35 3.13
CA PRO B 115 2.32 -23.33 3.45
C PRO B 115 2.49 -24.37 2.33
N ALA B 116 1.41 -24.71 1.63
CA ALA B 116 1.45 -25.61 0.47
C ALA B 116 2.52 -25.19 -0.52
N LEU B 117 2.45 -23.92 -0.95
CA LEU B 117 3.40 -23.34 -1.91
C LEU B 117 4.81 -23.19 -1.30
N ARG B 118 4.93 -22.57 -0.12
CA ARG B 118 6.23 -22.48 0.53
C ARG B 118 6.93 -23.84 0.47
N LYS B 119 6.11 -24.89 0.59
CA LYS B 119 6.59 -26.26 0.55
C LYS B 119 7.06 -26.62 -0.85
N LEU B 120 6.29 -26.23 -1.86
CA LEU B 120 6.65 -26.53 -3.24
C LEU B 120 7.98 -25.89 -3.58
N ASP B 121 8.20 -24.72 -2.96
CA ASP B 121 9.38 -23.88 -3.16
C ASP B 121 10.59 -24.65 -2.66
N ALA B 122 10.55 -25.02 -1.38
CA ALA B 122 11.63 -25.79 -0.77
C ALA B 122 11.87 -27.08 -1.56
N MET B 123 10.81 -27.63 -2.13
CA MET B 123 10.94 -28.86 -2.92
C MET B 123 11.74 -28.66 -4.18
N LEU B 124 11.64 -27.47 -4.76
CA LEU B 124 12.39 -27.12 -5.96
C LEU B 124 13.86 -26.83 -5.64
N ILE B 125 14.13 -26.01 -4.62
CA ILE B 125 15.51 -25.75 -4.18
C ILE B 125 16.20 -27.06 -3.82
N ASP B 126 15.48 -27.94 -3.10
CA ASP B 126 15.97 -29.27 -2.75
C ASP B 126 16.36 -30.09 -3.98
N THR B 127 15.57 -30.00 -5.04
CA THR B 127 15.87 -30.70 -6.27
C THR B 127 17.17 -30.20 -6.88
N LEU B 128 17.41 -28.89 -6.83
CA LEU B 128 18.70 -28.36 -7.28
C LEU B 128 19.83 -28.84 -6.34
N ASP B 129 19.57 -28.79 -5.03
CA ASP B 129 20.52 -29.22 -4.02
C ASP B 129 21.01 -30.66 -4.15
N ASN B 130 20.20 -31.54 -4.74
CA ASN B 130 20.63 -32.90 -5.00
C ASN B 130 21.82 -32.95 -5.95
N PHE B 131 22.02 -31.87 -6.70
CA PHE B 131 23.13 -31.81 -7.64
C PHE B 131 24.38 -31.18 -7.03
N ARG B 132 24.37 -31.05 -5.70
CA ARG B 132 25.56 -30.69 -4.94
C ARG B 132 26.64 -31.72 -5.23
N GLY B 133 27.84 -31.23 -5.56
CA GLY B 133 28.98 -32.10 -5.80
C GLY B 133 29.24 -32.31 -7.28
N HIS B 134 29.83 -33.45 -7.59
CA HIS B 134 30.19 -33.80 -8.94
C HIS B 134 29.01 -34.38 -9.70
N ASN B 135 28.91 -34.02 -10.98
CA ASN B 135 27.90 -34.59 -11.88
C ASN B 135 28.59 -35.14 -13.11
N GLU B 136 27.95 -36.11 -13.76
CA GLU B 136 28.53 -36.72 -14.96
C GLU B 136 28.50 -35.75 -16.15
N PHE B 137 27.43 -34.98 -16.23
CA PHE B 137 27.29 -33.93 -17.23
C PHE B 137 27.93 -32.63 -16.75
N TRP B 138 28.40 -31.82 -17.69
CA TRP B 138 28.96 -30.50 -17.38
C TRP B 138 28.51 -29.40 -18.33
N TYR B 139 28.96 -28.18 -18.05
CA TYR B 139 28.55 -27.02 -18.80
C TYR B 139 29.70 -26.31 -19.48
N VAL B 140 29.40 -25.62 -20.58
CA VAL B 140 30.40 -24.97 -21.40
C VAL B 140 29.94 -23.58 -21.77
N SER B 141 30.81 -22.57 -21.60
CA SER B 141 30.51 -21.17 -21.99
C SER B 141 29.88 -21.09 -23.39
N ARG B 142 28.74 -20.40 -23.48
CA ARG B 142 27.95 -20.27 -24.72
C ARG B 142 28.75 -19.78 -25.93
N ASP B 143 29.56 -18.74 -25.71
CA ASP B 143 30.44 -18.20 -26.74
C ASP B 143 31.92 -18.50 -26.48
N SER B 144 32.23 -19.79 -26.36
CA SER B 144 33.61 -20.29 -26.34
C SER B 144 33.76 -21.24 -27.54
N GLU B 145 34.76 -22.12 -27.49
CA GLU B 145 35.06 -23.04 -28.61
C GLU B 145 34.27 -24.35 -28.58
N GLU B 146 34.11 -24.92 -27.40
CA GLU B 146 33.34 -26.16 -27.22
C GLU B 146 31.84 -25.89 -27.30
N GLY B 147 31.46 -24.62 -27.05
CA GLY B 147 30.08 -24.17 -27.13
C GLY B 147 29.62 -23.91 -28.56
N GLN B 148 30.59 -23.64 -29.44
CA GLN B 148 30.34 -23.50 -30.88
C GLN B 148 29.93 -24.83 -31.52
N GLN B 149 30.33 -25.94 -30.90
CA GLN B 149 29.81 -27.25 -31.25
C GLN B 149 28.53 -27.48 -30.43
N ALA B 150 27.43 -26.84 -30.86
CA ALA B 150 26.13 -27.00 -30.22
C ALA B 150 24.97 -26.43 -31.06
N ARG B 151 24.09 -27.34 -31.51
CA ARG B 151 22.88 -26.99 -32.27
C ARG B 151 21.62 -27.47 -31.53
N LYS B 158 16.62 -20.97 -27.64
CA LYS B 158 17.11 -20.39 -26.39
C LYS B 158 18.67 -20.38 -26.29
N TRP B 159 19.30 -19.69 -27.23
CA TRP B 159 20.75 -19.57 -27.35
C TRP B 159 21.55 -19.10 -26.11
N TRP B 160 20.88 -18.51 -25.12
CA TRP B 160 21.59 -17.86 -23.99
C TRP B 160 21.99 -18.83 -22.89
N LEU B 161 21.45 -20.06 -22.97
CA LEU B 161 21.79 -21.09 -22.00
C LEU B 161 23.11 -21.72 -22.40
N PRO B 162 24.04 -21.86 -21.43
CA PRO B 162 25.35 -22.50 -21.71
C PRO B 162 25.13 -23.97 -22.11
N PRO B 163 25.65 -24.39 -23.28
CA PRO B 163 25.51 -25.77 -23.75
C PRO B 163 25.83 -26.79 -22.66
N VAL B 164 25.05 -27.87 -22.65
CA VAL B 164 25.35 -28.96 -21.73
C VAL B 164 26.16 -30.03 -22.45
N LYS B 165 27.05 -30.69 -21.70
CA LYS B 165 27.88 -31.76 -22.24
C LYS B 165 27.89 -32.99 -21.32
N VAL B 166 28.05 -34.15 -21.94
CA VAL B 166 27.91 -35.44 -21.27
C VAL B 166 29.07 -36.31 -21.73
N PRO B 167 29.36 -37.42 -21.03
CA PRO B 167 30.52 -38.19 -21.48
C PRO B 167 30.33 -38.78 -22.89
N PRO B 168 31.43 -39.11 -23.58
CA PRO B 168 31.38 -39.74 -24.91
C PRO B 168 30.42 -40.94 -25.02
N GLY B 169 30.63 -41.97 -24.20
CA GLY B 169 29.74 -43.14 -24.23
C GLY B 169 28.34 -42.84 -23.72
N GLY B 170 28.14 -41.65 -23.13
CA GLY B 170 26.86 -41.26 -22.54
C GLY B 170 26.83 -41.46 -21.03
N LEU B 171 25.73 -41.03 -20.40
CA LEU B 171 25.56 -41.12 -18.94
C LEU B 171 25.55 -42.55 -18.40
N SER B 172 25.89 -42.69 -17.12
CA SER B 172 25.72 -43.93 -16.38
C SER B 172 24.23 -44.18 -16.27
N GLU B 173 23.82 -45.40 -15.95
CA GLU B 173 22.41 -45.64 -15.69
C GLU B 173 22.01 -44.94 -14.39
N PRO B 174 22.89 -44.98 -13.36
CA PRO B 174 22.50 -44.28 -12.12
C PRO B 174 22.22 -42.78 -12.32
N SER B 175 23.08 -42.08 -13.05
CA SER B 175 22.89 -40.65 -13.31
C SER B 175 21.62 -40.39 -14.08
N ARG B 176 21.49 -41.04 -15.25
CA ARG B 176 20.29 -40.98 -16.08
C ARG B 176 19.02 -41.37 -15.31
N ARG B 177 19.16 -42.26 -14.32
CA ARG B 177 18.06 -42.65 -13.48
C ARG B 177 17.67 -41.52 -12.55
N MET B 178 18.64 -40.93 -11.85
CA MET B 178 18.34 -39.82 -10.93
C MET B 178 17.69 -38.68 -11.71
N LEU B 179 18.22 -38.41 -12.89
CA LEU B 179 17.70 -37.36 -13.76
C LEU B 179 16.23 -37.55 -14.12
N TYR B 180 15.84 -38.79 -14.39
CA TYR B 180 14.42 -39.11 -14.61
C TYR B 180 13.60 -38.95 -13.34
N PHE B 181 14.11 -39.48 -12.22
CA PHE B 181 13.44 -39.36 -10.92
C PHE B 181 13.15 -37.90 -10.55
N GLN B 182 14.14 -37.03 -10.78
CA GLN B 182 13.97 -35.60 -10.53
C GLN B 182 12.95 -34.96 -11.46
N LYS B 183 12.95 -35.38 -12.72
CA LYS B 183 12.02 -34.85 -13.73
C LYS B 183 10.59 -35.17 -13.35
N ASP B 184 10.33 -36.41 -12.93
CA ASP B 184 9.02 -36.79 -12.40
C ASP B 184 8.68 -35.87 -11.23
N SER B 185 9.50 -35.92 -10.17
CA SER B 185 9.32 -35.07 -8.99
C SER B 185 9.00 -33.62 -9.31
N VAL B 186 9.78 -33.03 -10.22
CA VAL B 186 9.60 -31.64 -10.60
C VAL B 186 8.29 -31.42 -11.34
N THR B 187 7.90 -32.36 -12.20
CA THR B 187 6.65 -32.16 -12.95
C THR B 187 5.43 -32.24 -12.05
N GLN B 188 5.55 -32.97 -10.94
CA GLN B 188 4.50 -33.04 -9.93
C GLN B 188 4.29 -31.67 -9.26
N VAL B 189 5.40 -31.05 -8.85
CA VAL B 189 5.38 -29.69 -8.33
C VAL B 189 4.77 -28.75 -9.35
N GLN B 190 5.15 -28.87 -10.61
CA GLN B 190 4.58 -27.98 -11.62
C GLN B 190 3.05 -28.10 -11.69
N LYS B 191 2.52 -29.32 -11.50
CA LYS B 191 1.09 -29.52 -11.52
C LYS B 191 0.41 -28.95 -10.26
N ALA B 192 1.06 -29.16 -9.12
CA ALA B 192 0.56 -28.70 -7.82
C ALA B 192 0.38 -27.18 -7.80
N ALA B 193 1.36 -26.49 -8.38
CA ALA B 193 1.35 -25.04 -8.46
C ALA B 193 0.33 -24.58 -9.47
N MET B 194 0.32 -25.24 -10.62
CA MET B 194 -0.59 -24.97 -11.72
C MET B 194 -2.05 -25.07 -11.24
N ALA B 195 -2.30 -26.04 -10.36
CA ALA B 195 -3.63 -26.22 -9.79
C ALA B 195 -3.98 -25.06 -8.83
N ILE B 196 -3.08 -24.75 -7.90
CA ILE B 196 -3.27 -23.64 -7.00
C ILE B 196 -3.49 -22.33 -7.76
N ASN B 197 -2.68 -22.11 -8.78
CA ASN B 197 -2.87 -21.01 -9.70
C ASN B 197 -4.26 -21.07 -10.35
N ALA B 198 -4.61 -22.18 -10.98
CA ALA B 198 -5.91 -22.25 -11.67
C ALA B 198 -7.10 -22.01 -10.72
N GLN B 199 -6.92 -22.43 -9.46
CA GLN B 199 -7.94 -22.36 -8.42
C GLN B 199 -8.17 -20.92 -8.00
N VAL B 200 -7.11 -20.23 -7.56
CA VAL B 200 -7.25 -18.84 -7.15
C VAL B 200 -7.81 -17.99 -8.28
N LEU B 201 -7.44 -18.33 -9.51
CA LEU B 201 -7.94 -17.60 -10.68
C LEU B 201 -9.44 -17.76 -10.86
N SER B 202 -9.95 -18.90 -10.43
CA SER B 202 -11.37 -19.18 -10.55
C SER B 202 -12.16 -18.58 -9.38
N GLU B 203 -11.47 -17.93 -8.46
CA GLU B 203 -12.11 -17.33 -7.29
C GLU B 203 -12.04 -15.84 -7.36
N MET B 204 -11.28 -15.35 -8.32
CA MET B 204 -11.08 -13.94 -8.51
C MET B 204 -12.26 -13.32 -9.21
N GLU B 205 -12.55 -12.08 -8.87
CA GLU B 205 -13.69 -11.36 -9.41
C GLU B 205 -13.52 -11.12 -10.91
N ILE B 206 -14.56 -11.40 -11.67
CA ILE B 206 -14.61 -11.03 -13.10
C ILE B 206 -14.80 -9.50 -13.21
N PRO B 207 -13.82 -8.79 -13.79
CA PRO B 207 -13.83 -7.33 -13.77
C PRO B 207 -14.87 -6.72 -14.71
N GLU B 208 -15.40 -5.55 -14.34
CA GLU B 208 -16.46 -4.92 -15.12
C GLU B 208 -16.05 -4.72 -16.59
N SER B 209 -14.82 -4.27 -16.83
CA SER B 209 -14.37 -4.03 -18.21
C SER B 209 -14.52 -5.29 -19.06
N TYR B 210 -14.15 -6.45 -18.50
CA TYR B 210 -14.32 -7.72 -19.21
C TYR B 210 -15.78 -7.91 -19.64
N ILE B 211 -16.71 -7.78 -18.69
CA ILE B 211 -18.15 -7.90 -18.95
C ILE B 211 -18.69 -6.88 -19.99
N ASP B 212 -18.03 -5.73 -20.12
CA ASP B 212 -18.39 -4.75 -21.16
C ASP B 212 -17.86 -5.12 -22.55
N SER B 213 -17.07 -6.18 -22.63
CA SER B 213 -16.50 -6.61 -23.91
C SER B 213 -17.24 -7.83 -24.47
N LEU B 214 -17.97 -8.49 -23.59
CA LEU B 214 -18.76 -9.67 -23.95
C LEU B 214 -19.77 -9.40 -25.07
N PRO B 215 -19.75 -10.24 -26.13
CA PRO B 215 -20.76 -10.14 -27.20
C PRO B 215 -22.16 -10.50 -26.69
N LYS B 216 -23.17 -10.24 -27.50
CA LYS B 216 -24.56 -10.37 -27.04
C LYS B 216 -24.95 -11.81 -26.61
N ASN B 217 -24.61 -12.80 -27.43
CA ASN B 217 -25.15 -14.16 -27.28
C ASN B 217 -24.07 -15.24 -27.31
N GLY B 218 -24.43 -16.44 -26.86
CA GLY B 218 -23.56 -17.61 -26.97
C GLY B 218 -23.06 -17.82 -28.38
N ARG B 219 -23.98 -17.81 -29.35
CA ARG B 219 -23.62 -17.89 -30.76
C ARG B 219 -22.68 -16.74 -31.18
N ALA B 220 -22.98 -15.53 -30.74
CA ALA B 220 -22.15 -14.36 -31.04
C ALA B 220 -20.66 -14.55 -30.70
N SER B 221 -20.36 -15.24 -29.61
CA SER B 221 -18.97 -15.44 -29.23
C SER B 221 -18.26 -16.55 -30.01
N LEU B 222 -18.97 -17.63 -30.33
CA LEU B 222 -18.35 -18.86 -30.87
C LEU B 222 -17.87 -18.89 -32.36
N GLY B 223 -18.71 -18.66 -33.37
CA GLY B 223 -20.15 -18.50 -33.29
C GLY B 223 -20.81 -19.55 -34.18
N ASP B 224 -21.72 -19.12 -35.06
CA ASP B 224 -22.58 -20.04 -35.82
C ASP B 224 -22.11 -21.50 -35.97
N SER B 225 -20.97 -21.72 -36.62
CA SER B 225 -20.45 -23.07 -36.84
C SER B 225 -20.16 -23.82 -35.53
N ILE B 226 -19.20 -23.31 -34.75
CA ILE B 226 -18.82 -23.92 -33.45
C ILE B 226 -19.99 -24.07 -32.47
N TYR B 227 -20.85 -23.05 -32.38
CA TYR B 227 -21.99 -23.07 -31.46
C TYR B 227 -22.95 -24.22 -31.78
N LYS B 228 -23.25 -24.42 -33.06
CA LYS B 228 -24.03 -25.58 -33.49
C LYS B 228 -23.43 -26.85 -32.88
N SER B 229 -22.12 -27.06 -33.12
CA SER B 229 -21.41 -28.25 -32.64
C SER B 229 -21.66 -28.55 -31.16
N ILE B 230 -21.32 -27.59 -30.30
CA ILE B 230 -21.52 -27.70 -28.86
C ILE B 230 -22.97 -28.00 -28.44
N THR B 231 -23.95 -27.45 -29.15
CA THR B 231 -25.34 -27.53 -28.72
C THR B 231 -26.11 -28.70 -29.35
N GLU B 232 -25.39 -29.56 -30.09
CA GLU B 232 -26.00 -30.69 -30.80
C GLU B 232 -26.62 -31.74 -29.87
N GLU B 233 -27.29 -32.72 -30.48
CA GLU B 233 -27.96 -33.78 -29.73
C GLU B 233 -26.95 -34.67 -28.99
N TRP B 234 -25.93 -35.16 -29.70
CA TRP B 234 -24.82 -35.88 -29.05
C TRP B 234 -23.60 -34.97 -28.89
N PHE B 235 -22.59 -35.45 -28.17
CA PHE B 235 -21.37 -34.67 -27.96
C PHE B 235 -20.12 -35.49 -27.61
N ASP B 236 -19.02 -35.19 -28.29
CA ASP B 236 -17.72 -35.80 -27.98
C ASP B 236 -16.64 -34.72 -27.97
N PRO B 237 -16.04 -34.44 -26.79
CA PRO B 237 -15.06 -33.34 -26.69
C PRO B 237 -13.79 -33.51 -27.55
N GLU B 238 -13.28 -34.74 -27.66
CA GLU B 238 -12.12 -35.03 -28.52
C GLU B 238 -12.39 -34.74 -29.99
N GLN B 239 -13.54 -35.21 -30.46
CA GLN B 239 -13.98 -35.01 -31.83
C GLN B 239 -14.32 -33.56 -32.09
N PHE B 240 -14.89 -32.88 -31.09
CA PHE B 240 -15.07 -31.44 -31.13
C PHE B 240 -13.76 -30.70 -31.45
N LEU B 241 -12.67 -31.12 -30.81
CA LEU B 241 -11.36 -30.53 -31.11
C LEU B 241 -10.80 -30.99 -32.45
N ALA B 242 -11.06 -32.26 -32.81
CA ALA B 242 -10.60 -32.80 -34.08
C ALA B 242 -11.32 -32.14 -35.26
N MET B 243 -12.52 -31.61 -35.00
CA MET B 243 -13.30 -30.87 -36.00
C MET B 243 -12.68 -29.50 -36.28
N LEU B 244 -11.77 -29.07 -35.41
CA LEU B 244 -11.21 -27.72 -35.44
C LEU B 244 -9.71 -27.70 -35.74
N ASP B 245 -9.23 -26.58 -36.29
CA ASP B 245 -7.82 -26.38 -36.56
C ASP B 245 -7.12 -25.91 -35.31
N MET B 246 -6.28 -26.79 -34.77
CA MET B 246 -5.62 -26.55 -33.48
C MET B 246 -4.10 -26.57 -33.59
N SER B 247 -3.59 -26.26 -34.77
CA SER B 247 -2.18 -26.45 -35.10
C SER B 247 -1.23 -25.40 -34.50
N THR B 248 -1.77 -24.28 -34.01
CA THR B 248 -0.94 -23.25 -33.38
C THR B 248 -1.51 -22.79 -32.04
N GLU B 249 -0.63 -22.36 -31.14
CA GLU B 249 -1.02 -21.78 -29.86
C GLU B 249 -2.11 -20.73 -30.02
N HIS B 250 -1.90 -19.77 -30.93
CA HIS B 250 -2.86 -18.70 -31.12
C HIS B 250 -4.27 -19.22 -31.33
N LYS B 251 -4.40 -20.19 -32.22
CA LYS B 251 -5.69 -20.76 -32.61
C LYS B 251 -6.37 -21.45 -31.45
N VAL B 252 -5.61 -22.27 -30.71
CA VAL B 252 -6.13 -22.90 -29.48
C VAL B 252 -6.54 -21.82 -28.47
N LEU B 253 -5.65 -20.86 -28.26
CA LEU B 253 -5.88 -19.74 -27.37
C LEU B 253 -7.13 -18.91 -27.71
N ASP B 254 -7.29 -18.56 -28.99
CA ASP B 254 -8.50 -17.88 -29.47
C ASP B 254 -9.74 -18.73 -29.21
N LEU B 255 -9.60 -20.05 -29.24
CA LEU B 255 -10.70 -20.93 -28.89
C LEU B 255 -11.03 -20.84 -27.39
N LYS B 256 -10.02 -21.04 -26.55
CA LYS B 256 -10.19 -20.92 -25.11
C LYS B 256 -10.87 -19.59 -24.75
N ASN B 257 -10.51 -18.51 -25.44
CA ASN B 257 -11.13 -17.21 -25.16
C ASN B 257 -12.60 -17.20 -25.55
N ARG B 258 -12.86 -17.81 -26.70
CA ARG B 258 -14.17 -17.91 -27.28
C ARG B 258 -15.10 -18.65 -26.31
N ILE B 259 -14.60 -19.74 -25.74
CA ILE B 259 -15.37 -20.63 -24.88
C ILE B 259 -15.58 -20.05 -23.50
N GLU B 260 -14.56 -19.40 -22.96
CA GLU B 260 -14.67 -18.74 -21.65
C GLU B 260 -15.61 -17.54 -21.68
N ALA B 261 -15.61 -16.81 -22.79
CA ALA B 261 -16.56 -15.74 -22.99
C ALA B 261 -17.96 -16.32 -22.95
N SER B 262 -18.17 -17.42 -23.68
CA SER B 262 -19.48 -18.06 -23.72
C SER B 262 -19.89 -18.60 -22.35
N VAL B 263 -18.96 -19.17 -21.60
CA VAL B 263 -19.27 -19.67 -20.27
C VAL B 263 -19.77 -18.54 -19.37
N VAL B 264 -19.04 -17.42 -19.35
CA VAL B 264 -19.46 -16.26 -18.55
C VAL B 264 -20.85 -15.76 -18.98
N ILE B 265 -21.07 -15.68 -20.29
CA ILE B 265 -22.38 -15.35 -20.83
C ILE B 265 -23.46 -16.29 -20.28
N TRP B 266 -23.18 -17.59 -20.34
CA TRP B 266 -24.11 -18.62 -19.87
C TRP B 266 -24.27 -18.66 -18.36
N LYS B 267 -23.16 -18.68 -17.62
CA LYS B 267 -23.18 -18.66 -16.15
C LYS B 267 -23.85 -17.38 -15.61
N ARG B 268 -24.42 -16.60 -16.53
CA ARG B 268 -24.97 -15.29 -16.22
C ARG B 268 -26.46 -15.20 -16.62
N LYS B 269 -26.88 -16.05 -17.56
CA LYS B 269 -28.27 -16.05 -18.05
C LYS B 269 -29.25 -16.41 -16.94
N ARG B 288 -30.14 -24.20 -19.85
CA ARG B 288 -28.86 -23.80 -20.45
C ARG B 288 -27.64 -24.58 -19.92
N GLU B 289 -27.77 -25.16 -18.72
CA GLU B 289 -26.67 -25.84 -17.99
C GLU B 289 -25.88 -26.94 -18.75
N LEU B 290 -26.51 -27.53 -19.77
CA LEU B 290 -25.90 -28.60 -20.56
C LEU B 290 -24.69 -28.10 -21.35
N PHE B 291 -24.88 -26.97 -22.03
CA PHE B 291 -23.82 -26.38 -22.84
C PHE B 291 -22.72 -25.88 -21.91
N GLU B 292 -23.15 -25.30 -20.80
CA GLU B 292 -22.24 -24.83 -19.78
C GLU B 292 -21.33 -25.97 -19.29
N GLU B 293 -21.86 -27.19 -19.26
CA GLU B 293 -21.08 -28.34 -18.80
C GLU B 293 -20.15 -28.85 -19.89
N ARG B 294 -20.65 -28.86 -21.12
CA ARG B 294 -19.88 -29.31 -22.27
C ARG B 294 -18.68 -28.41 -22.52
N ALA B 295 -18.92 -27.10 -22.37
CA ALA B 295 -17.89 -26.08 -22.53
C ALA B 295 -16.80 -26.28 -21.50
N GLU B 296 -17.21 -26.46 -20.25
CA GLU B 296 -16.29 -26.71 -19.14
C GLU B 296 -15.49 -28.00 -19.35
N THR B 297 -16.10 -29.03 -19.97
CA THR B 297 -15.33 -30.23 -20.31
C THR B 297 -14.32 -30.01 -21.44
N ILE B 298 -14.57 -29.00 -22.27
CA ILE B 298 -13.63 -28.66 -23.35
C ILE B 298 -12.43 -27.91 -22.77
N LEU B 299 -12.71 -26.96 -21.87
CA LEU B 299 -11.64 -26.23 -21.19
C LEU B 299 -10.78 -27.21 -20.38
N VAL B 300 -11.43 -28.25 -19.84
CA VAL B 300 -10.74 -29.28 -19.07
C VAL B 300 -9.76 -30.10 -19.92
N LEU B 301 -10.20 -30.51 -21.12
CA LEU B 301 -9.32 -31.19 -22.06
C LEU B 301 -8.21 -30.28 -22.58
N LEU B 302 -8.54 -29.00 -22.81
CA LEU B 302 -7.56 -28.01 -23.22
C LEU B 302 -6.39 -27.90 -22.25
N LYS B 303 -6.64 -28.14 -20.97
CA LYS B 303 -5.59 -28.17 -19.94
C LYS B 303 -4.73 -29.43 -20.09
N GLN B 304 -5.39 -30.54 -20.40
CA GLN B 304 -4.69 -31.81 -20.59
C GLN B 304 -3.86 -31.79 -21.88
N LYS B 305 -4.51 -31.43 -23.00
CA LYS B 305 -3.90 -31.47 -24.33
C LYS B 305 -2.83 -30.41 -24.55
N PHE B 306 -3.09 -29.19 -24.06
CA PHE B 306 -2.15 -28.10 -24.23
C PHE B 306 -1.86 -27.45 -22.89
N PRO B 307 -1.21 -28.20 -21.98
CA PRO B 307 -0.74 -27.51 -20.78
C PRO B 307 0.40 -26.61 -21.20
N GLY B 308 0.61 -25.52 -20.46
CA GLY B 308 1.67 -24.59 -20.80
C GLY B 308 1.21 -23.63 -21.88
N LEU B 309 -0.09 -23.58 -22.13
CA LEU B 309 -0.63 -22.58 -23.04
C LEU B 309 -0.98 -21.34 -22.22
N PRO B 310 -0.73 -20.15 -22.78
CA PRO B 310 -0.85 -18.87 -22.08
C PRO B 310 -2.16 -18.68 -21.31
N GLN B 311 -2.09 -17.81 -20.31
CA GLN B 311 -3.26 -17.27 -19.64
C GLN B 311 -4.22 -16.73 -20.69
N SER B 312 -5.52 -16.83 -20.42
CA SER B 312 -6.56 -16.32 -21.32
C SER B 312 -6.85 -14.84 -21.08
N SER B 313 -7.60 -14.21 -21.99
CA SER B 313 -8.00 -12.82 -21.81
C SER B 313 -8.61 -12.65 -20.44
N LEU B 314 -9.50 -13.57 -20.09
CA LEU B 314 -10.22 -13.55 -18.83
C LEU B 314 -9.26 -13.63 -17.65
N ASP B 315 -8.31 -14.56 -17.71
CA ASP B 315 -7.23 -14.66 -16.71
C ASP B 315 -6.47 -13.33 -16.52
N ILE B 316 -5.93 -12.82 -17.63
CA ILE B 316 -5.18 -11.55 -17.64
C ILE B 316 -6.02 -10.40 -17.11
N SER B 317 -7.31 -10.41 -17.45
CA SER B 317 -8.22 -9.36 -17.02
C SER B 317 -8.41 -9.42 -15.52
N LYS B 318 -8.52 -10.63 -15.00
CA LYS B 318 -8.64 -10.85 -13.57
C LYS B 318 -7.43 -10.30 -12.82
N ILE B 319 -6.22 -10.63 -13.29
CA ILE B 319 -5.02 -10.24 -12.59
C ILE B 319 -4.90 -8.71 -12.63
N GLN B 320 -5.18 -8.14 -13.79
CA GLN B 320 -5.10 -6.69 -13.97
C GLN B 320 -5.87 -5.91 -12.89
N PHE B 321 -7.13 -6.29 -12.65
CA PHE B 321 -8.05 -5.48 -11.82
C PHE B 321 -8.32 -6.03 -10.42
N ASN B 322 -7.50 -6.96 -9.97
CA ASN B 322 -7.74 -7.62 -8.71
C ASN B 322 -7.23 -6.80 -7.53
N LYS B 323 -8.14 -6.40 -6.64
CA LYS B 323 -7.75 -5.64 -5.44
C LYS B 323 -7.36 -6.57 -4.27
N ASP B 324 -7.76 -7.83 -4.34
CA ASP B 324 -7.54 -8.77 -3.22
C ASP B 324 -6.07 -9.17 -3.05
N VAL B 325 -5.47 -8.62 -2.01
CA VAL B 325 -4.03 -8.86 -1.73
C VAL B 325 -3.73 -10.35 -1.57
N GLY B 326 -4.58 -11.03 -0.79
CA GLY B 326 -4.44 -12.48 -0.57
C GLY B 326 -4.33 -13.28 -1.87
N GLN B 327 -5.26 -12.98 -2.78
CA GLN B 327 -5.32 -13.69 -4.05
C GLN B 327 -4.17 -13.27 -4.94
N ALA B 328 -3.79 -11.99 -4.91
CA ALA B 328 -2.65 -11.51 -5.69
C ALA B 328 -1.39 -12.29 -5.35
N VAL B 329 -1.09 -12.40 -4.05
CA VAL B 329 0.03 -13.19 -3.59
C VAL B 329 -0.13 -14.66 -3.96
N LEU B 330 -1.34 -15.20 -3.81
CA LEU B 330 -1.60 -16.60 -4.16
C LEU B 330 -1.33 -16.93 -5.63
N GLU B 331 -1.86 -16.10 -6.53
CA GLU B 331 -1.72 -16.30 -7.96
C GLU B 331 -0.28 -16.12 -8.47
N SER B 332 0.41 -15.07 -8.04
CA SER B 332 1.76 -14.82 -8.52
C SER B 332 2.77 -15.80 -7.95
N TYR B 333 2.59 -16.16 -6.69
CA TYR B 333 3.53 -17.06 -6.07
C TYR B 333 3.42 -18.43 -6.76
N SER B 334 2.19 -18.93 -6.89
CA SER B 334 1.97 -20.17 -7.63
C SER B 334 2.53 -20.07 -9.04
N ARG B 335 2.26 -18.96 -9.73
CA ARG B 335 2.75 -18.75 -11.08
C ARG B 335 4.27 -18.85 -11.19
N ILE B 336 5.00 -18.15 -10.35
CA ILE B 336 6.47 -18.20 -10.45
C ILE B 336 7.02 -19.58 -10.02
N LEU B 337 6.37 -20.22 -9.05
CA LEU B 337 6.75 -21.55 -8.63
C LEU B 337 6.55 -22.56 -9.76
N GLU B 338 5.44 -22.41 -10.48
CA GLU B 338 5.18 -23.19 -11.68
C GLU B 338 6.27 -23.00 -12.73
N SER B 339 6.77 -21.77 -12.87
CA SER B 339 7.73 -21.44 -13.91
C SER B 339 9.17 -21.80 -13.51
N LEU B 340 9.49 -21.75 -12.23
CA LEU B 340 10.77 -22.25 -11.77
C LEU B 340 10.79 -23.76 -11.99
N ALA B 341 9.65 -24.40 -11.76
CA ALA B 341 9.51 -25.84 -12.00
C ALA B 341 9.81 -26.18 -13.44
N TYR B 342 9.22 -25.44 -14.38
CA TYR B 342 9.47 -25.65 -15.81
C TYR B 342 10.95 -25.52 -16.15
N THR B 343 11.60 -24.53 -15.55
CA THR B 343 13.00 -24.26 -15.75
C THR B 343 13.81 -25.49 -15.37
N VAL B 344 13.64 -25.94 -14.14
CA VAL B 344 14.36 -27.12 -13.66
C VAL B 344 14.06 -28.34 -14.55
N MET B 345 12.81 -28.46 -14.95
CA MET B 345 12.35 -29.49 -15.88
C MET B 345 13.10 -29.42 -17.20
N SER B 346 13.30 -28.21 -17.72
CA SER B 346 13.99 -28.00 -18.98
C SER B 346 15.46 -28.32 -18.84
N ARG B 347 16.05 -27.88 -17.73
CA ARG B 347 17.44 -28.21 -17.41
C ARG B 347 17.68 -29.70 -17.50
N ILE B 348 16.84 -30.47 -16.81
CA ILE B 348 16.90 -31.91 -16.83
C ILE B 348 16.76 -32.42 -18.27
N GLU B 349 15.78 -31.93 -19.01
CA GLU B 349 15.54 -32.42 -20.36
C GLU B 349 16.68 -32.13 -21.32
N ASP B 350 17.40 -31.02 -21.12
CA ASP B 350 18.54 -30.72 -21.98
C ASP B 350 19.64 -31.75 -21.76
N VAL B 351 19.77 -32.23 -20.53
CA VAL B 351 20.77 -33.25 -20.24
C VAL B 351 20.34 -34.56 -20.90
N LEU B 352 19.09 -34.96 -20.70
CA LEU B 352 18.57 -36.22 -21.23
C LEU B 352 18.51 -36.25 -22.74
N TYR B 353 18.36 -35.09 -23.36
CA TYR B 353 18.35 -34.97 -24.81
C TYR B 353 19.76 -35.07 -25.38
N THR B 354 20.74 -34.43 -24.75
CA THR B 354 22.12 -34.53 -25.25
C THR B 354 22.73 -35.88 -24.91
N ASP B 355 22.24 -36.51 -23.85
CA ASP B 355 22.56 -37.90 -23.55
C ASP B 355 22.09 -38.79 -24.71
N THR B 356 20.88 -38.51 -25.20
CA THR B 356 20.32 -39.24 -26.34
C THR B 356 21.27 -39.15 -27.54
N LEU B 357 21.69 -37.93 -27.87
CA LEU B 357 22.60 -37.67 -28.98
C LEU B 357 23.98 -38.31 -28.82
N ALA B 358 24.50 -38.35 -27.59
CA ALA B 358 25.81 -38.92 -27.33
C ALA B 358 25.85 -40.45 -27.54
N LEU B 359 24.69 -41.10 -27.39
CA LEU B 359 24.55 -42.54 -27.63
C LEU B 359 24.42 -42.86 -29.13
N LYS B 360 23.55 -42.11 -29.81
CA LYS B 360 23.30 -42.27 -31.24
C LYS B 360 24.41 -41.61 -32.09
N GLN B 361 24.21 -40.57 -32.73
N ARG C 5 -21.91 -3.36 1.85
CA ARG C 5 -22.17 -2.52 3.06
C ARG C 5 -20.85 -2.18 3.79
N PHE C 6 -20.79 -1.01 4.41
CA PHE C 6 -19.58 -0.54 5.10
C PHE C 6 -19.98 0.22 6.35
N ILE C 7 -19.36 -0.08 7.48
CA ILE C 7 -19.69 0.62 8.71
C ILE C 7 -18.46 1.33 9.28
N LYS C 8 -18.59 2.61 9.56
CA LYS C 8 -17.57 3.29 10.36
C LYS C 8 -18.05 3.43 11.79
N CYS C 9 -17.26 2.87 12.71
CA CYS C 9 -17.55 2.88 14.14
C CYS C 9 -16.43 3.57 14.92
N VAL C 10 -16.78 4.62 15.67
CA VAL C 10 -15.78 5.47 16.34
C VAL C 10 -15.96 5.48 17.87
N THR C 11 -14.91 5.12 18.59
CA THR C 11 -14.93 5.14 20.05
C THR C 11 -14.52 6.53 20.51
N VAL C 12 -15.40 7.21 21.26
CA VAL C 12 -15.04 8.54 21.76
C VAL C 12 -15.24 8.67 23.27
N GLY C 13 -14.51 9.61 23.87
CA GLY C 13 -14.60 9.88 25.32
C GLY C 13 -13.29 10.39 25.88
N ASP C 14 -13.22 10.56 27.20
CA ASP C 14 -12.07 11.15 27.87
C ASP C 14 -10.74 10.39 27.75
N GLY C 15 -9.74 10.85 28.50
CA GLY C 15 -8.50 10.11 28.69
C GLY C 15 -8.63 9.17 29.87
N ALA C 16 -7.73 8.19 29.93
CA ALA C 16 -7.69 7.15 31.00
C ALA C 16 -9.05 6.50 31.24
N VAL C 17 -9.78 6.30 30.16
CA VAL C 17 -11.09 5.67 30.19
C VAL C 17 -11.00 4.23 29.66
N GLY C 18 -9.99 3.99 28.83
CA GLY C 18 -9.73 2.65 28.32
C GLY C 18 -10.16 2.48 26.88
N LYS C 19 -10.43 3.59 26.21
CA LYS C 19 -10.79 3.58 24.78
C LYS C 19 -9.97 2.56 23.97
N THR C 20 -8.65 2.73 23.95
CA THR C 20 -7.76 1.91 23.14
C THR C 20 -7.72 0.45 23.61
N CYS C 21 -7.63 0.24 24.92
CA CYS C 21 -7.66 -1.09 25.52
C CYS C 21 -8.92 -1.85 25.15
N MET C 22 -10.05 -1.16 25.13
CA MET C 22 -11.30 -1.79 24.73
C MET C 22 -11.20 -2.35 23.32
N LEU C 23 -10.66 -1.55 22.40
CA LEU C 23 -10.51 -1.95 21.01
C LEU C 23 -9.49 -3.08 20.83
N ILE C 24 -8.32 -2.91 21.46
CA ILE C 24 -7.31 -3.96 21.46
C ILE C 24 -7.93 -5.22 22.03
N SER C 25 -8.67 -5.08 23.12
CA SER C 25 -9.40 -6.21 23.68
C SER C 25 -10.27 -6.87 22.64
N TYR C 26 -11.21 -6.11 22.07
CA TYR C 26 -12.21 -6.66 21.12
C TYR C 26 -11.63 -7.43 19.95
N THR C 27 -10.57 -6.87 19.37
CA THR C 27 -9.93 -7.37 18.18
C THR C 27 -8.94 -8.51 18.51
N GLY C 28 -7.80 -8.18 19.12
CA GLY C 28 -6.78 -9.16 19.47
C GLY C 28 -7.22 -10.00 20.66
N PRO C 37 2.88 1.34 24.88
CA PRO C 37 2.72 0.28 23.87
C PRO C 37 1.26 0.05 23.43
N THR C 38 0.29 0.60 24.15
CA THR C 38 -1.12 0.50 23.73
C THR C 38 -1.37 1.25 22.41
N VAL C 39 -1.26 0.54 21.27
CA VAL C 39 -1.48 1.16 19.97
C VAL C 39 -2.52 0.42 19.15
N PHE C 40 -3.59 1.14 18.82
CA PHE C 40 -4.64 0.61 17.94
C PHE C 40 -4.63 1.38 16.62
N ASP C 41 -4.22 0.70 15.54
CA ASP C 41 -4.33 1.28 14.22
C ASP C 41 -5.75 1.07 13.71
N ASN C 42 -6.19 1.94 12.79
CA ASN C 42 -7.49 1.81 12.15
C ASN C 42 -7.63 0.38 11.65
N PHE C 43 -8.71 -0.28 12.05
CA PHE C 43 -8.89 -1.69 11.76
C PHE C 43 -10.18 -1.92 11.00
N SER C 44 -10.14 -2.84 10.05
CA SER C 44 -11.31 -3.16 9.26
C SER C 44 -11.34 -4.66 8.96
N ALA C 45 -12.47 -5.31 9.23
CA ALA C 45 -12.66 -6.74 8.91
C ALA C 45 -14.10 -7.09 8.53
N ASN C 46 -14.26 -8.18 7.79
CA ASN C 46 -15.59 -8.71 7.46
C ASN C 46 -16.25 -9.38 8.66
N VAL C 47 -17.50 -9.08 8.90
CA VAL C 47 -18.29 -9.81 9.88
C VAL C 47 -19.62 -10.16 9.23
N VAL C 48 -20.18 -11.31 9.57
CA VAL C 48 -21.53 -11.63 9.10
C VAL C 48 -22.55 -11.15 10.14
N VAL C 49 -23.58 -10.47 9.66
CA VAL C 49 -24.71 -10.08 10.47
C VAL C 49 -25.98 -10.70 9.87
N ASP C 50 -26.73 -11.42 10.70
CA ASP C 50 -28.05 -11.97 10.34
C ASP C 50 -28.24 -12.19 8.84
N GLY C 51 -27.30 -12.89 8.20
CA GLY C 51 -27.43 -13.23 6.78
C GLY C 51 -26.27 -12.81 5.90
N SER C 52 -26.09 -11.50 5.72
CA SER C 52 -25.07 -11.03 4.78
C SER C 52 -23.89 -10.42 5.49
N THR C 53 -22.80 -10.23 4.78
CA THR C 53 -21.55 -9.78 5.39
C THR C 53 -21.37 -8.26 5.29
N VAL C 54 -20.96 -7.63 6.39
CA VAL C 54 -20.64 -6.20 6.38
C VAL C 54 -19.17 -5.97 6.67
N ASN C 55 -18.64 -4.85 6.18
CA ASN C 55 -17.25 -4.50 6.47
C ASN C 55 -17.18 -3.51 7.62
N LEU C 56 -16.59 -3.93 8.73
CA LEU C 56 -16.56 -3.11 9.95
C LEU C 56 -15.26 -2.35 10.08
N GLY C 57 -15.37 -1.02 10.18
CA GLY C 57 -14.22 -0.15 10.33
C GLY C 57 -14.21 0.46 11.71
N LEU C 58 -13.19 0.14 12.50
CA LEU C 58 -13.10 0.62 13.88
C LEU C 58 -12.09 1.74 14.00
N TRP C 59 -12.49 2.81 14.68
CA TRP C 59 -11.66 4.00 14.87
C TRP C 59 -11.40 4.30 16.36
N ASP C 60 -10.12 4.44 16.70
CA ASP C 60 -9.68 4.88 18.01
C ASP C 60 -9.72 6.42 17.97
N THR C 61 -9.95 7.07 19.10
CA THR C 61 -9.84 8.53 19.16
C THR C 61 -8.78 9.00 20.15
N ALA C 62 -7.99 8.05 20.67
CA ALA C 62 -6.97 8.34 21.66
C ALA C 62 -6.20 9.62 21.32
N GLY C 63 -6.05 10.52 22.30
CA GLY C 63 -5.27 11.73 22.12
C GLY C 63 -6.09 12.95 21.78
N GLN C 64 -7.27 12.73 21.22
CA GLN C 64 -8.14 13.84 20.86
C GLN C 64 -8.53 14.65 22.11
N GLU C 65 -8.90 13.94 23.17
CA GLU C 65 -9.21 14.54 24.46
C GLU C 65 -8.19 15.59 24.91
N ASP C 66 -6.94 15.39 24.49
CA ASP C 66 -5.80 16.28 24.85
C ASP C 66 -5.65 17.46 23.88
N TYR C 67 -5.83 17.20 22.59
CA TYR C 67 -5.72 18.24 21.59
C TYR C 67 -6.63 17.85 20.43
N ASN C 68 -7.67 18.64 20.25
CA ASN C 68 -8.71 18.34 19.30
C ASN C 68 -8.24 18.24 17.84
N ARG C 69 -7.30 19.11 17.45
CA ARG C 69 -6.81 19.17 16.06
C ARG C 69 -6.01 17.94 15.65
N LEU C 70 -5.80 17.02 16.59
CA LEU C 70 -5.03 15.79 16.36
C LEU C 70 -5.74 14.82 15.44
N ARG C 71 -7.08 14.79 15.48
CA ARG C 71 -7.83 13.76 14.75
C ARG C 71 -9.04 14.33 13.96
N PRO C 72 -8.76 14.91 12.78
CA PRO C 72 -9.76 15.56 11.91
C PRO C 72 -10.81 14.62 11.31
N LEU C 73 -10.49 13.33 11.25
CA LEU C 73 -11.35 12.36 10.57
C LEU C 73 -12.31 11.67 11.53
N SER C 74 -12.09 11.86 12.83
CA SER C 74 -12.86 11.14 13.84
C SER C 74 -14.35 11.06 13.56
N TYR C 75 -14.97 12.17 13.15
CA TYR C 75 -16.43 12.23 13.10
C TYR C 75 -17.00 12.05 11.70
N ARG C 76 -16.17 12.25 10.69
CA ARG C 76 -16.61 12.25 9.30
C ARG C 76 -17.07 10.88 8.83
N GLY C 77 -18.29 10.82 8.30
CA GLY C 77 -18.81 9.60 7.71
C GLY C 77 -18.98 8.46 8.70
N ALA C 78 -19.07 8.83 9.97
CA ALA C 78 -19.29 7.87 11.05
C ALA C 78 -20.70 7.32 10.95
N ASP C 79 -20.84 6.01 11.21
CA ASP C 79 -22.14 5.37 11.22
C ASP C 79 -22.69 5.11 12.63
N VAL C 80 -21.76 4.89 13.57
CA VAL C 80 -22.10 4.70 14.98
C VAL C 80 -20.95 5.16 15.88
N PHE C 81 -21.30 5.80 17.01
CA PHE C 81 -20.33 6.27 18.00
C PHE C 81 -20.45 5.46 19.26
N LEU C 82 -19.32 5.08 19.85
CA LEU C 82 -19.32 4.52 21.19
C LEU C 82 -18.79 5.56 22.17
N LEU C 83 -19.70 6.16 22.93
CA LEU C 83 -19.30 7.12 23.94
C LEU C 83 -18.96 6.35 25.18
N ALA C 84 -17.74 6.57 25.65
CA ALA C 84 -17.18 5.79 26.73
C ALA C 84 -16.76 6.68 27.89
N PHE C 85 -17.10 6.27 29.10
CA PHE C 85 -16.62 6.91 30.31
C PHE C 85 -16.17 5.82 31.27
N SER C 86 -15.33 6.17 32.25
CA SER C 86 -14.88 5.21 33.26
C SER C 86 -15.85 5.16 34.42
N LEU C 87 -16.17 3.94 34.87
CA LEU C 87 -17.10 3.71 35.98
C LEU C 87 -16.51 4.12 37.33
N ILE C 88 -15.24 4.50 37.33
CA ILE C 88 -14.53 4.93 38.53
C ILE C 88 -14.04 6.37 38.38
N SER C 89 -14.66 7.13 37.49
CA SER C 89 -14.33 8.54 37.30
C SER C 89 -15.56 9.36 36.99
N LYS C 90 -16.01 10.12 37.98
CA LYS C 90 -17.21 10.93 37.85
C LYS C 90 -16.98 12.07 36.87
N ALA C 91 -15.73 12.56 36.80
CA ALA C 91 -15.39 13.60 35.82
C ALA C 91 -15.60 13.09 34.40
N SER C 92 -15.19 11.85 34.13
CA SER C 92 -15.41 11.24 32.82
C SER C 92 -16.90 11.10 32.49
N TYR C 93 -17.70 10.78 33.50
CA TYR C 93 -19.15 10.74 33.38
C TYR C 93 -19.72 12.14 33.05
N GLU C 94 -19.29 13.18 33.77
CA GLU C 94 -19.84 14.53 33.57
C GLU C 94 -19.53 15.04 32.16
N ASN C 95 -18.35 14.71 31.68
CA ASN C 95 -17.87 15.13 30.37
C ASN C 95 -18.62 14.53 29.20
N ILE C 96 -19.19 13.35 29.37
CA ILE C 96 -20.04 12.77 28.34
C ILE C 96 -21.10 13.81 27.96
N HIS C 97 -21.77 14.40 28.93
CA HIS C 97 -22.76 15.41 28.60
C HIS C 97 -22.21 16.83 28.44
N LYS C 98 -21.20 17.20 29.23
CA LYS C 98 -20.68 18.56 29.19
C LYS C 98 -19.84 18.80 27.94
N LYS C 99 -19.04 17.81 27.53
CA LYS C 99 -18.05 18.01 26.46
C LYS C 99 -18.28 17.17 25.20
N TRP C 100 -18.51 15.87 25.34
CA TRP C 100 -18.57 15.04 24.15
C TRP C 100 -19.89 15.11 23.38
N LEU C 101 -21.01 15.20 24.08
CA LEU C 101 -22.28 15.28 23.37
C LEU C 101 -22.37 16.51 22.43
N PRO C 102 -22.03 17.74 22.93
CA PRO C 102 -22.04 18.93 22.04
C PRO C 102 -21.22 18.76 20.75
N GLU C 103 -20.13 18.00 20.83
CA GLU C 103 -19.28 17.74 19.66
C GLU C 103 -19.96 16.85 18.61
N LEU C 104 -20.47 15.70 19.04
CA LEU C 104 -21.10 14.76 18.11
C LEU C 104 -22.37 15.37 17.56
N LYS C 105 -23.08 16.11 18.40
CA LYS C 105 -24.30 16.78 17.98
C LYS C 105 -24.03 17.99 17.07
N HIS C 106 -22.76 18.40 16.99
CA HIS C 106 -22.34 19.45 16.05
C HIS C 106 -21.90 18.88 14.71
N TYR C 107 -21.04 17.86 14.75
CA TYR C 107 -20.38 17.32 13.55
C TYR C 107 -21.19 16.23 12.89
N ALA C 108 -22.00 15.55 13.68
CA ALA C 108 -22.74 14.38 13.23
C ALA C 108 -24.01 14.20 14.06
N PRO C 109 -24.95 15.17 13.99
CA PRO C 109 -26.21 14.90 14.70
C PRO C 109 -26.88 13.68 14.06
N GLY C 110 -27.80 13.03 14.75
CA GLY C 110 -28.56 11.91 14.16
C GLY C 110 -27.77 10.65 13.81
N ILE C 111 -26.50 10.59 14.20
CA ILE C 111 -25.72 9.36 14.14
C ILE C 111 -25.85 8.69 15.52
N PRO C 112 -26.26 7.41 15.55
CA PRO C 112 -26.55 6.71 16.81
C PRO C 112 -25.36 6.59 17.78
N ILE C 113 -25.65 6.69 19.07
CA ILE C 113 -24.64 6.58 20.11
C ILE C 113 -24.88 5.36 20.98
N VAL C 114 -23.80 4.65 21.34
CA VAL C 114 -23.90 3.59 22.34
C VAL C 114 -23.07 3.95 23.59
N LEU C 115 -23.76 4.10 24.72
CA LEU C 115 -23.06 4.49 25.94
C LEU C 115 -22.30 3.27 26.46
N VAL C 116 -21.01 3.43 26.66
CA VAL C 116 -20.17 2.37 27.20
C VAL C 116 -19.54 2.81 28.52
N GLY C 117 -19.75 2.02 29.57
CA GLY C 117 -19.12 2.24 30.86
C GLY C 117 -18.04 1.19 31.07
N THR C 118 -16.80 1.64 31.09
CA THR C 118 -15.63 0.78 31.17
C THR C 118 -15.12 0.63 32.61
N LYS C 119 -14.17 -0.28 32.79
CA LYS C 119 -13.57 -0.65 34.09
C LYS C 119 -14.55 -1.39 35.02
N LEU C 120 -15.44 -2.19 34.42
CA LEU C 120 -16.48 -2.89 35.19
C LEU C 120 -15.90 -3.73 36.31
N ASP C 121 -14.69 -4.24 36.11
CA ASP C 121 -14.02 -5.06 37.13
C ASP C 121 -13.66 -4.25 38.36
N LEU C 122 -13.47 -2.94 38.19
CA LEU C 122 -13.04 -2.09 39.28
C LEU C 122 -14.19 -1.42 40.03
N ARG C 123 -15.40 -1.44 39.48
CA ARG C 123 -16.47 -0.65 40.07
C ARG C 123 -16.86 -1.00 41.51
N ASP C 124 -16.95 -2.28 41.83
CA ASP C 124 -17.37 -2.68 43.19
C ASP C 124 -16.19 -3.24 43.99
N ASP C 125 -14.97 -2.97 43.52
CA ASP C 125 -13.75 -3.41 44.18
C ASP C 125 -13.48 -2.53 45.41
N LYS C 126 -14.05 -2.94 46.54
CA LYS C 126 -13.98 -2.16 47.79
C LYS C 126 -12.54 -1.78 48.12
N GLN C 127 -11.63 -2.70 47.84
CA GLN C 127 -10.20 -2.57 48.09
C GLN C 127 -9.56 -1.47 47.25
N PHE C 128 -9.83 -1.52 45.94
CA PHE C 128 -9.32 -0.53 44.99
C PHE C 128 -9.79 0.91 45.33
N LEU C 129 -11.08 1.04 45.67
CA LEU C 129 -11.68 2.35 46.00
C LEU C 129 -11.09 2.94 47.27
N LYS C 130 -10.71 2.08 48.20
CA LYS C 130 -10.06 2.49 49.44
C LYS C 130 -8.64 2.95 49.13
N ASP C 131 -7.95 2.20 48.27
CA ASP C 131 -6.59 2.53 47.82
C ASP C 131 -6.50 3.80 46.97
N HIS C 132 -7.56 4.11 46.23
CA HIS C 132 -7.61 5.32 45.39
C HIS C 132 -8.82 6.19 45.72
N PRO C 133 -8.81 6.85 46.90
CA PRO C 133 -9.96 7.63 47.39
C PRO C 133 -10.53 8.60 46.37
N GLY C 134 -9.70 9.08 45.44
CA GLY C 134 -10.15 10.01 44.41
C GLY C 134 -11.06 9.36 43.39
N ALA C 135 -10.91 8.05 43.20
CA ALA C 135 -11.76 7.29 42.28
C ALA C 135 -13.11 7.08 42.94
N ALA C 136 -14.16 7.01 42.12
CA ALA C 136 -15.52 6.98 42.65
C ALA C 136 -16.42 6.18 41.73
N SER C 137 -17.15 5.21 42.29
CA SER C 137 -17.89 4.24 41.47
C SER C 137 -19.25 4.74 40.99
N ILE C 138 -19.50 4.62 39.70
CA ILE C 138 -20.79 4.98 39.10
C ILE C 138 -21.71 3.75 39.07
N THR C 139 -22.94 3.90 39.57
CA THR C 139 -23.90 2.79 39.53
C THR C 139 -24.55 2.63 38.15
N THR C 140 -25.01 1.41 37.85
CA THR C 140 -25.76 1.11 36.62
C THR C 140 -26.92 2.07 36.44
N ALA C 141 -27.75 2.21 37.47
CA ALA C 141 -28.88 3.15 37.44
C ALA C 141 -28.39 4.53 37.00
N GLN C 142 -27.30 5.00 37.63
CA GLN C 142 -26.63 6.24 37.24
C GLN C 142 -26.18 6.28 35.77
N GLY C 143 -25.72 5.14 35.26
CA GLY C 143 -25.36 5.06 33.84
C GLY C 143 -26.58 5.06 32.93
N GLU C 144 -27.71 4.60 33.44
CA GLU C 144 -28.93 4.59 32.66
C GLU C 144 -29.48 6.01 32.57
N GLU C 145 -29.47 6.76 33.67
CA GLU C 145 -29.81 8.18 33.66
C GLU C 145 -29.03 8.90 32.59
N LEU C 146 -27.76 8.56 32.48
CA LEU C 146 -26.86 9.17 31.51
C LEU C 146 -27.23 8.77 30.08
N ARG C 147 -27.68 7.53 29.91
CA ARG C 147 -28.10 7.02 28.62
C ARG C 147 -29.30 7.83 28.10
N LYS C 148 -30.30 8.00 28.97
CA LYS C 148 -31.55 8.66 28.63
C LYS C 148 -31.33 10.15 28.46
N MET C 149 -30.26 10.66 29.07
CA MET C 149 -29.96 12.08 29.04
C MET C 149 -29.33 12.48 27.71
N ILE C 150 -28.36 11.70 27.26
CA ILE C 150 -27.67 11.96 26.00
C ILE C 150 -28.35 11.24 24.81
N GLY C 151 -29.52 10.67 25.07
CA GLY C 151 -30.28 9.97 24.04
C GLY C 151 -29.53 8.81 23.41
N ALA C 152 -28.65 8.17 24.17
CA ALA C 152 -27.92 6.99 23.67
C ALA C 152 -28.89 5.83 23.41
N VAL C 153 -28.56 5.03 22.39
CA VAL C 153 -29.44 3.96 21.95
C VAL C 153 -29.44 2.78 22.95
N ARG C 154 -28.37 2.66 23.73
CA ARG C 154 -28.22 1.56 24.68
C ARG C 154 -27.08 1.86 25.65
N TYR C 155 -27.24 1.41 26.89
CA TYR C 155 -26.15 1.50 27.87
C TYR C 155 -25.59 0.13 28.24
N LEU C 156 -24.28 -0.05 28.09
CA LEU C 156 -23.59 -1.27 28.45
C LEU C 156 -22.39 -1.02 29.35
N GLU C 157 -22.17 -1.89 30.32
CA GLU C 157 -21.01 -1.81 31.20
C GLU C 157 -20.07 -2.96 30.88
N CYS C 158 -18.80 -2.65 30.64
CA CYS C 158 -17.85 -3.65 30.19
C CYS C 158 -16.48 -3.55 30.86
N SER C 159 -15.60 -4.49 30.53
CA SER C 159 -14.27 -4.55 31.08
C SER C 159 -13.32 -5.16 30.07
N SER C 160 -12.24 -4.46 29.75
CA SER C 160 -11.20 -4.96 28.86
C SER C 160 -10.47 -6.14 29.48
N LYS C 161 -10.24 -6.10 30.79
CA LYS C 161 -9.48 -7.13 31.48
C LYS C 161 -10.27 -8.43 31.37
N THR C 162 -11.51 -8.35 31.84
CA THR C 162 -12.43 -9.45 31.95
C THR C 162 -13.02 -9.85 30.59
N GLN C 163 -13.32 -8.86 29.75
CA GLN C 163 -13.93 -9.03 28.42
C GLN C 163 -15.48 -9.10 28.41
N GLN C 164 -16.05 -8.94 29.60
CA GLN C 164 -17.51 -8.90 29.78
C GLN C 164 -18.16 -7.79 28.96
N ASN C 165 -19.15 -8.19 28.17
CA ASN C 165 -19.98 -7.28 27.39
C ASN C 165 -19.25 -6.53 26.29
N VAL C 166 -17.94 -6.78 26.13
CA VAL C 166 -17.19 -6.08 25.10
C VAL C 166 -17.76 -6.41 23.73
N LYS C 167 -17.92 -7.70 23.42
CA LYS C 167 -18.58 -8.07 22.18
C LYS C 167 -20.03 -7.58 22.14
N ALA C 168 -20.70 -7.57 23.29
CA ALA C 168 -22.06 -7.04 23.31
C ALA C 168 -22.02 -5.59 22.83
N VAL C 169 -20.97 -4.84 23.19
CA VAL C 169 -20.87 -3.43 22.79
C VAL C 169 -20.90 -3.30 21.27
N PHE C 170 -19.97 -3.99 20.62
CA PHE C 170 -19.78 -3.86 19.19
C PHE C 170 -20.89 -4.52 18.40
N ASP C 171 -21.43 -5.62 18.93
CA ASP C 171 -22.66 -6.21 18.41
C ASP C 171 -23.80 -5.16 18.35
N THR C 172 -23.92 -4.33 19.40
CA THR C 172 -24.93 -3.26 19.42
C THR C 172 -24.62 -2.19 18.35
N ALA C 173 -23.39 -1.66 18.36
CA ALA C 173 -22.95 -0.71 17.36
C ALA C 173 -23.22 -1.23 15.94
N ILE C 174 -22.78 -2.46 15.66
CA ILE C 174 -23.01 -3.08 14.36
C ILE C 174 -24.49 -3.02 14.02
N ARG C 175 -25.34 -3.50 14.92
CA ARG C 175 -26.76 -3.64 14.65
C ARG C 175 -27.42 -2.28 14.46
N VAL C 176 -27.07 -1.34 15.32
CA VAL C 176 -27.70 -0.03 15.30
C VAL C 176 -27.32 0.80 14.05
N ALA C 177 -26.08 0.63 13.60
CA ALA C 177 -25.59 1.33 12.40
C ALA C 177 -26.17 0.79 11.09
N LEU C 178 -26.91 -0.32 11.16
CA LEU C 178 -27.59 -0.83 9.98
C LEU C 178 -29.11 -0.58 10.03
N ARG C 179 -29.53 0.32 10.90
CA ARG C 179 -30.92 0.79 10.93
C ARG C 179 -31.06 2.00 9.99
N PRO C 180 -32.03 2.11 9.22
N ALA D 4 -1.29 14.16 -17.79
CA ALA D 4 -2.64 13.53 -17.64
C ALA D 4 -2.83 12.34 -18.61
N ARG D 5 -1.73 11.87 -19.21
CA ARG D 5 -1.78 10.79 -20.20
C ARG D 5 -0.74 9.69 -19.91
N PHE D 6 -1.22 8.51 -19.52
CA PHE D 6 -0.35 7.41 -19.09
C PHE D 6 0.31 6.68 -20.25
N ILE D 7 1.55 6.25 -20.07
CA ILE D 7 2.25 5.48 -21.09
C ILE D 7 2.78 4.18 -20.51
N LYS D 8 2.37 3.07 -21.11
CA LYS D 8 2.95 1.78 -20.78
C LYS D 8 4.01 1.47 -21.82
N CYS D 9 5.23 1.26 -21.34
CA CYS D 9 6.37 0.99 -22.20
C CYS D 9 7.04 -0.34 -21.83
N VAL D 10 6.77 -1.36 -22.64
CA VAL D 10 7.23 -2.72 -22.35
C VAL D 10 8.43 -3.06 -23.22
N THR D 11 9.52 -3.51 -22.60
CA THR D 11 10.72 -3.84 -23.36
C THR D 11 10.89 -5.35 -23.43
N VAL D 12 10.96 -5.88 -24.65
CA VAL D 12 10.89 -7.30 -24.87
C VAL D 12 12.10 -7.77 -25.69
N GLY D 13 12.41 -9.07 -25.64
CA GLY D 13 13.57 -9.63 -26.34
C GLY D 13 14.04 -10.95 -25.73
N ASP D 14 15.17 -11.47 -26.21
CA ASP D 14 15.74 -12.72 -25.71
C ASP D 14 16.39 -12.59 -24.31
N GLY D 15 17.00 -13.67 -23.82
CA GLY D 15 17.86 -13.61 -22.63
C GLY D 15 19.24 -13.08 -22.96
N ALA D 16 20.03 -12.80 -21.92
CA ALA D 16 21.41 -12.30 -22.08
C ALA D 16 21.57 -11.11 -23.02
N VAL D 17 20.45 -10.46 -23.31
CA VAL D 17 20.39 -9.23 -24.12
C VAL D 17 20.41 -7.99 -23.22
N GLY D 18 20.17 -8.20 -21.92
CA GLY D 18 20.29 -7.14 -20.94
C GLY D 18 19.16 -6.13 -20.92
N LYS D 19 17.90 -6.60 -20.90
CA LYS D 19 16.75 -5.72 -20.72
C LYS D 19 16.83 -5.07 -19.35
N THR D 20 16.69 -5.90 -18.31
CA THR D 20 16.80 -5.43 -16.94
C THR D 20 17.88 -4.37 -16.80
N CYS D 21 19.08 -4.68 -17.29
CA CYS D 21 20.19 -3.74 -17.19
C CYS D 21 19.87 -2.37 -17.79
N MET D 22 19.52 -2.34 -19.06
CA MET D 22 19.11 -1.11 -19.74
C MET D 22 18.11 -0.33 -18.89
N LEU D 23 17.09 -1.01 -18.38
CA LEU D 23 16.08 -0.40 -17.51
C LEU D 23 16.67 0.17 -16.21
N ILE D 24 17.52 -0.60 -15.54
CA ILE D 24 18.14 -0.14 -14.29
C ILE D 24 19.09 1.02 -14.54
N SER D 25 19.80 0.96 -15.65
CA SER D 25 20.71 2.00 -16.06
C SER D 25 19.96 3.31 -16.31
N TYR D 26 18.80 3.20 -16.93
CA TYR D 26 17.95 4.35 -17.24
C TYR D 26 17.40 5.04 -16.00
N THR D 27 17.04 4.26 -14.99
CA THR D 27 16.38 4.75 -13.78
C THR D 27 17.37 5.09 -12.66
N GLY D 28 17.93 4.07 -12.01
CA GLY D 28 18.93 4.26 -10.96
C GLY D 28 20.21 4.90 -11.49
N PRO D 37 22.24 -10.43 -7.72
CA PRO D 37 21.63 -9.89 -8.95
C PRO D 37 20.77 -8.64 -8.70
N THR D 38 20.30 -8.04 -9.79
CA THR D 38 19.51 -6.83 -9.69
C THR D 38 18.13 -6.99 -10.29
N VAL D 39 17.16 -6.42 -9.57
CA VAL D 39 15.76 -6.50 -9.92
C VAL D 39 15.33 -5.17 -10.52
N PHE D 40 14.55 -5.21 -11.59
CA PHE D 40 13.80 -4.04 -11.98
C PHE D 40 12.32 -4.18 -11.64
N ASP D 41 11.92 -3.53 -10.55
CA ASP D 41 10.52 -3.42 -10.19
C ASP D 41 9.77 -2.45 -11.09
N ASN D 42 8.60 -2.89 -11.54
CA ASN D 42 7.62 -2.01 -12.16
C ASN D 42 7.79 -0.60 -11.58
N PHE D 43 8.21 0.34 -12.41
CA PHE D 43 8.49 1.72 -11.99
C PHE D 43 7.69 2.68 -12.86
N SER D 44 6.92 3.55 -12.22
CA SER D 44 6.22 4.63 -12.93
C SER D 44 6.54 5.97 -12.29
N ALA D 45 6.69 7.01 -13.12
CA ALA D 45 7.02 8.37 -12.64
C ALA D 45 6.65 9.41 -13.69
N ASN D 46 6.19 10.58 -13.23
CA ASN D 46 5.98 11.73 -14.11
C ASN D 46 7.26 12.11 -14.84
N VAL D 47 7.18 12.24 -16.16
CA VAL D 47 8.31 12.71 -16.96
C VAL D 47 7.85 13.83 -17.89
N VAL D 48 8.56 14.96 -17.85
CA VAL D 48 8.29 16.07 -18.77
C VAL D 48 9.05 15.84 -20.09
N VAL D 49 8.30 15.56 -21.17
CA VAL D 49 8.88 15.39 -22.51
C VAL D 49 8.31 16.40 -23.50
N ASP D 50 9.22 17.19 -24.09
CA ASP D 50 8.89 18.23 -25.06
C ASP D 50 7.77 19.13 -24.55
N GLY D 51 7.98 19.72 -23.36
CA GLY D 51 6.99 20.62 -22.75
C GLY D 51 5.77 19.94 -22.15
N SER D 52 5.58 18.67 -22.48
CA SER D 52 4.42 17.88 -22.06
C SER D 52 4.68 17.24 -20.69
N THR D 53 3.63 17.11 -19.87
CA THR D 53 3.77 16.50 -18.54
C THR D 53 3.23 15.05 -18.43
N VAL D 54 3.92 14.10 -19.07
CA VAL D 54 3.42 12.72 -19.24
C VAL D 54 3.65 11.80 -18.04
N ASN D 55 2.83 10.76 -17.95
CA ASN D 55 2.92 9.79 -16.85
C ASN D 55 3.45 8.45 -17.33
N LEU D 56 4.73 8.20 -17.04
CA LEU D 56 5.47 7.11 -17.67
C LEU D 56 5.56 5.88 -16.77
N GLY D 57 5.30 4.70 -17.34
CA GLY D 57 5.39 3.44 -16.59
C GLY D 57 6.12 2.36 -17.38
N LEU D 58 7.17 1.83 -16.78
CA LEU D 58 8.09 0.95 -17.49
C LEU D 58 7.98 -0.48 -17.02
N TRP D 59 7.88 -1.40 -17.98
CA TRP D 59 7.78 -2.81 -17.67
C TRP D 59 9.00 -3.57 -18.17
N ASP D 60 9.48 -4.49 -17.34
CA ASP D 60 10.49 -5.46 -17.76
C ASP D 60 9.77 -6.71 -18.29
N THR D 61 10.44 -7.47 -19.15
CA THR D 61 9.92 -8.77 -19.57
C THR D 61 10.83 -9.97 -19.22
N ALA D 62 11.90 -9.70 -18.46
CA ALA D 62 12.91 -10.71 -18.09
C ALA D 62 12.26 -12.00 -17.64
N GLY D 63 12.80 -13.13 -18.09
CA GLY D 63 12.28 -14.44 -17.70
C GLY D 63 11.13 -14.98 -18.53
N GLN D 64 10.42 -14.10 -19.23
CA GLN D 64 9.31 -14.50 -20.11
C GLN D 64 9.85 -15.17 -21.37
N GLU D 65 11.06 -14.79 -21.76
CA GLU D 65 11.78 -15.44 -22.85
C GLU D 65 11.99 -16.93 -22.59
N ASP D 66 12.01 -17.31 -21.31
CA ASP D 66 12.09 -18.72 -20.88
C ASP D 66 10.69 -19.34 -20.77
N TYR D 67 9.96 -19.00 -19.71
CA TYR D 67 8.55 -19.40 -19.55
C TYR D 67 7.63 -18.23 -19.91
N ASN D 68 6.81 -18.42 -20.93
CA ASN D 68 5.89 -17.39 -21.40
C ASN D 68 4.78 -17.08 -20.41
N ARG D 69 4.32 -18.10 -19.71
CA ARG D 69 3.24 -17.94 -18.75
C ARG D 69 3.64 -17.17 -17.49
N LEU D 70 4.93 -16.87 -17.36
CA LEU D 70 5.44 -16.10 -16.22
C LEU D 70 4.91 -14.66 -16.16
N ARG D 71 4.85 -13.98 -17.29
CA ARG D 71 4.43 -12.56 -17.32
C ARG D 71 3.15 -12.31 -18.16
N PRO D 72 1.98 -12.62 -17.58
CA PRO D 72 0.74 -12.49 -18.34
C PRO D 72 0.25 -11.04 -18.52
N LEU D 73 0.92 -10.06 -17.92
CA LEU D 73 0.53 -8.66 -18.09
C LEU D 73 1.43 -7.89 -19.06
N SER D 74 2.34 -8.61 -19.74
CA SER D 74 3.34 -7.97 -20.61
C SER D 74 2.79 -7.15 -21.78
N TYR D 75 1.69 -7.60 -22.38
CA TYR D 75 1.23 -6.96 -23.62
C TYR D 75 -0.03 -6.10 -23.43
N ARG D 76 -0.80 -6.39 -22.38
CA ARG D 76 -2.09 -5.74 -22.21
C ARG D 76 -1.87 -4.28 -21.92
N GLY D 77 -2.55 -3.44 -22.69
CA GLY D 77 -2.54 -2.00 -22.47
C GLY D 77 -1.23 -1.34 -22.81
N ALA D 78 -0.40 -2.03 -23.58
CA ALA D 78 0.89 -1.50 -24.01
C ALA D 78 0.69 -0.30 -24.95
N ASP D 79 1.65 0.61 -24.97
CA ASP D 79 1.56 1.76 -25.85
C ASP D 79 2.69 1.81 -26.87
N VAL D 80 3.86 1.33 -26.45
CA VAL D 80 5.04 1.21 -27.28
C VAL D 80 5.81 -0.02 -26.78
N PHE D 81 6.56 -0.66 -27.66
CA PHE D 81 7.47 -1.74 -27.28
C PHE D 81 8.93 -1.41 -27.58
N LEU D 82 9.81 -1.74 -26.65
CA LEU D 82 11.24 -1.75 -26.93
C LEU D 82 11.67 -3.17 -27.26
N LEU D 83 11.81 -3.47 -28.55
CA LEU D 83 12.26 -4.79 -28.96
C LEU D 83 13.77 -4.83 -28.95
N ALA D 84 14.34 -5.69 -28.13
CA ALA D 84 15.76 -5.64 -27.91
C ALA D 84 16.49 -6.91 -28.34
N PHE D 85 17.62 -6.72 -29.02
CA PHE D 85 18.50 -7.80 -29.42
C PHE D 85 19.92 -7.35 -29.09
N SER D 86 20.83 -8.30 -28.90
CA SER D 86 22.20 -7.97 -28.52
C SER D 86 23.09 -7.86 -29.75
N LEU D 87 23.73 -6.71 -29.90
CA LEU D 87 24.63 -6.47 -31.03
C LEU D 87 25.77 -7.50 -31.14
N ILE D 88 25.81 -8.45 -30.20
CA ILE D 88 26.82 -9.53 -30.24
C ILE D 88 26.20 -10.93 -30.28
N SER D 89 24.90 -11.01 -30.57
CA SER D 89 24.23 -12.29 -30.76
C SER D 89 23.33 -12.32 -32.00
N LYS D 90 23.71 -13.15 -32.97
CA LYS D 90 22.95 -13.24 -34.21
C LYS D 90 21.63 -13.98 -33.99
N ALA D 91 21.63 -14.94 -33.07
CA ALA D 91 20.39 -15.63 -32.70
C ALA D 91 19.35 -14.65 -32.15
N SER D 92 19.78 -13.73 -31.28
CA SER D 92 18.87 -12.73 -30.72
C SER D 92 18.31 -11.81 -31.83
N TYR D 93 19.10 -11.62 -32.86
CA TYR D 93 18.68 -10.80 -34.01
C TYR D 93 17.67 -11.59 -34.83
N GLU D 94 17.98 -12.86 -35.12
CA GLU D 94 17.05 -13.75 -35.81
C GLU D 94 15.70 -13.92 -35.07
N ASN D 95 15.74 -13.99 -33.74
CA ASN D 95 14.53 -14.19 -32.92
C ASN D 95 13.57 -13.01 -32.88
N ILE D 96 14.09 -11.82 -33.14
CA ILE D 96 13.27 -10.61 -33.23
C ILE D 96 12.12 -10.81 -34.20
N HIS D 97 12.43 -11.31 -35.39
CA HIS D 97 11.41 -11.50 -36.41
C HIS D 97 10.83 -12.91 -36.45
N LYS D 98 11.59 -13.90 -36.00
CA LYS D 98 11.10 -15.28 -36.04
C LYS D 98 10.12 -15.57 -34.89
N LYS D 99 10.41 -14.99 -33.73
CA LYS D 99 9.72 -15.33 -32.47
C LYS D 99 8.92 -14.17 -31.87
N TRP D 100 9.56 -13.01 -31.71
CA TRP D 100 8.96 -11.89 -30.99
C TRP D 100 7.96 -11.08 -31.80
N LEU D 101 8.34 -10.69 -33.02
CA LEU D 101 7.46 -9.93 -33.88
C LEU D 101 6.08 -10.61 -34.02
N PRO D 102 6.06 -11.96 -34.20
CA PRO D 102 4.77 -12.69 -34.21
C PRO D 102 3.93 -12.54 -32.95
N GLU D 103 4.58 -12.39 -31.79
CA GLU D 103 3.88 -12.21 -30.52
C GLU D 103 3.20 -10.85 -30.45
N LEU D 104 3.92 -9.82 -30.87
CA LEU D 104 3.41 -8.45 -30.83
C LEU D 104 2.34 -8.20 -31.89
N LYS D 105 2.58 -8.69 -33.12
CA LYS D 105 1.56 -8.66 -34.19
C LYS D 105 0.24 -9.33 -33.78
N HIS D 106 0.32 -10.29 -32.87
CA HIS D 106 -0.88 -10.99 -32.39
C HIS D 106 -1.55 -10.35 -31.17
N TYR D 107 -0.78 -10.07 -30.11
CA TYR D 107 -1.32 -9.51 -28.86
C TYR D 107 -1.51 -7.98 -28.85
N ALA D 108 -0.80 -7.27 -29.73
CA ALA D 108 -0.92 -5.83 -29.82
C ALA D 108 -0.77 -5.34 -31.27
N PRO D 109 -1.75 -5.68 -32.14
CA PRO D 109 -1.71 -5.14 -33.50
C PRO D 109 -1.79 -3.62 -33.50
N GLY D 110 -0.81 -2.97 -34.10
CA GLY D 110 -0.88 -1.52 -34.32
C GLY D 110 -0.13 -0.63 -33.35
N ILE D 111 0.53 -1.20 -32.35
CA ILE D 111 1.32 -0.38 -31.43
C ILE D 111 2.76 -0.27 -31.90
N PRO D 112 3.33 0.94 -31.83
CA PRO D 112 4.72 1.16 -32.26
C PRO D 112 5.75 0.26 -31.57
N ILE D 113 6.79 -0.10 -32.32
CA ILE D 113 7.93 -0.85 -31.81
C ILE D 113 9.18 0.00 -32.05
N VAL D 114 10.04 0.11 -31.04
CA VAL D 114 11.35 0.72 -31.24
C VAL D 114 12.42 -0.35 -31.14
N LEU D 115 13.17 -0.52 -32.23
CA LEU D 115 14.22 -1.53 -32.30
C LEU D 115 15.48 -1.02 -31.60
N VAL D 116 15.86 -1.73 -30.54
CA VAL D 116 17.07 -1.40 -29.79
C VAL D 116 18.07 -2.53 -29.90
N GLY D 117 19.28 -2.18 -30.35
CA GLY D 117 20.42 -3.09 -30.34
C GLY D 117 21.34 -2.77 -29.17
N THR D 118 21.33 -3.64 -28.17
CA THR D 118 22.08 -3.46 -26.93
C THR D 118 23.55 -3.89 -27.06
N LYS D 119 24.31 -3.65 -26.00
CA LYS D 119 25.70 -4.07 -25.90
C LYS D 119 26.61 -3.39 -26.93
N LEU D 120 26.32 -2.12 -27.20
CA LEU D 120 27.10 -1.27 -28.11
C LEU D 120 28.56 -1.06 -27.70
N ASP D 121 28.84 -1.15 -26.39
CA ASP D 121 30.20 -1.00 -25.92
C ASP D 121 31.08 -2.21 -26.30
N LEU D 122 30.46 -3.35 -26.57
CA LEU D 122 31.18 -4.57 -26.85
C LEU D 122 31.40 -4.86 -28.35
N ARG D 123 30.57 -4.26 -29.19
CA ARG D 123 30.47 -4.60 -30.61
C ARG D 123 31.79 -4.50 -31.39
N ASP D 124 32.49 -3.38 -31.29
CA ASP D 124 33.82 -3.27 -31.90
C ASP D 124 34.92 -3.38 -30.84
N ASP D 125 34.73 -4.30 -29.88
CA ASP D 125 35.73 -4.57 -28.87
C ASP D 125 36.61 -5.72 -29.35
N LYS D 126 37.80 -5.35 -29.82
CA LYS D 126 38.72 -6.28 -30.48
C LYS D 126 39.13 -7.46 -29.57
N GLN D 127 39.53 -7.13 -28.35
CA GLN D 127 39.95 -8.14 -27.37
C GLN D 127 38.79 -9.03 -26.89
N PHE D 128 37.63 -8.44 -26.65
CA PHE D 128 36.45 -9.23 -26.23
C PHE D 128 36.03 -10.24 -27.30
N LEU D 129 35.92 -9.78 -28.55
CA LEU D 129 35.57 -10.65 -29.68
C LEU D 129 36.65 -11.71 -29.93
N LYS D 130 37.90 -11.38 -29.56
CA LYS D 130 39.01 -12.34 -29.61
C LYS D 130 38.87 -13.46 -28.59
N ASP D 131 38.72 -13.12 -27.32
CA ASP D 131 38.59 -14.12 -26.25
C ASP D 131 37.18 -14.69 -26.13
N HIS D 132 36.28 -14.27 -27.02
CA HIS D 132 34.92 -14.81 -27.05
C HIS D 132 34.51 -15.17 -28.49
N PRO D 133 35.20 -16.16 -29.10
CA PRO D 133 35.01 -16.52 -30.51
C PRO D 133 33.54 -16.64 -30.91
N GLY D 134 32.71 -17.13 -30.00
CA GLY D 134 31.28 -17.29 -30.27
C GLY D 134 30.49 -16.01 -30.43
N ALA D 135 30.93 -14.94 -29.77
CA ALA D 135 30.30 -13.63 -29.96
C ALA D 135 30.67 -13.14 -31.33
N ALA D 136 29.76 -12.43 -31.98
CA ALA D 136 30.02 -11.90 -33.32
C ALA D 136 29.21 -10.64 -33.57
N SER D 137 29.91 -9.55 -33.88
CA SER D 137 29.30 -8.22 -33.92
C SER D 137 28.32 -8.02 -35.08
N ILE D 138 27.33 -7.17 -34.84
CA ILE D 138 26.34 -6.81 -35.84
C ILE D 138 26.51 -5.34 -36.21
N THR D 139 26.36 -5.02 -37.50
CA THR D 139 26.55 -3.65 -37.97
C THR D 139 25.27 -2.82 -37.85
N THR D 140 25.45 -1.51 -37.71
CA THR D 140 24.35 -0.56 -37.76
C THR D 140 23.48 -0.76 -39.01
N ALA D 141 24.11 -0.92 -40.17
CA ALA D 141 23.36 -1.22 -41.40
C ALA D 141 22.48 -2.45 -41.19
N GLN D 142 23.07 -3.52 -40.64
CA GLN D 142 22.33 -4.76 -40.39
C GLN D 142 21.18 -4.53 -39.40
N GLY D 143 21.43 -3.74 -38.36
CA GLY D 143 20.37 -3.34 -37.43
C GLY D 143 19.25 -2.58 -38.13
N GLU D 144 19.61 -1.59 -38.94
CA GLU D 144 18.65 -0.81 -39.74
C GLU D 144 17.83 -1.64 -40.75
N GLU D 145 18.46 -2.62 -41.40
CA GLU D 145 17.75 -3.60 -42.24
C GLU D 145 16.61 -4.32 -41.49
N LEU D 146 16.91 -4.80 -40.28
CA LEU D 146 15.93 -5.42 -39.39
C LEU D 146 14.76 -4.48 -39.07
N ARG D 147 15.07 -3.21 -38.82
CA ARG D 147 14.05 -2.20 -38.53
C ARG D 147 13.02 -2.10 -39.66
N LYS D 148 13.49 -1.92 -40.88
CA LYS D 148 12.61 -1.74 -42.03
C LYS D 148 11.78 -2.99 -42.27
N MET D 149 12.33 -4.12 -41.84
CA MET D 149 11.76 -5.45 -42.12
C MET D 149 10.62 -5.79 -41.18
N ILE D 150 10.84 -5.59 -39.87
CA ILE D 150 9.80 -5.77 -38.85
C ILE D 150 8.91 -4.52 -38.77
N GLY D 151 9.31 -3.46 -39.46
CA GLY D 151 8.55 -2.21 -39.50
C GLY D 151 8.57 -1.41 -38.22
N ALA D 152 9.70 -1.38 -37.52
CA ALA D 152 9.86 -0.54 -36.32
C ALA D 152 9.98 0.96 -36.70
N VAL D 153 9.53 1.84 -35.82
CA VAL D 153 9.52 3.28 -36.14
C VAL D 153 10.92 3.90 -36.14
N ARG D 154 11.74 3.54 -35.15
CA ARG D 154 13.15 3.91 -35.17
C ARG D 154 14.05 2.77 -34.69
N TYR D 155 15.34 2.88 -35.01
CA TYR D 155 16.37 1.95 -34.51
C TYR D 155 17.49 2.70 -33.78
N LEU D 156 17.77 2.27 -32.55
CA LEU D 156 18.88 2.82 -31.78
C LEU D 156 19.81 1.74 -31.24
N GLU D 157 21.10 2.02 -31.26
CA GLU D 157 22.07 1.15 -30.60
C GLU D 157 22.50 1.79 -29.30
N CYS D 158 22.33 1.07 -28.19
CA CYS D 158 22.67 1.62 -26.89
C CYS D 158 23.57 0.71 -26.02
N SER D 159 23.91 1.21 -24.83
CA SER D 159 24.78 0.49 -23.91
C SER D 159 24.57 0.87 -22.46
N SER D 160 24.21 -0.11 -21.64
CA SER D 160 24.01 0.07 -20.20
C SER D 160 25.27 0.40 -19.39
N LYS D 161 26.44 -0.04 -19.86
CA LYS D 161 27.68 0.27 -19.16
C LYS D 161 27.97 1.77 -19.20
N THR D 162 27.93 2.33 -20.41
CA THR D 162 28.21 3.74 -20.68
C THR D 162 26.97 4.64 -20.56
N GLN D 163 25.80 4.05 -20.76
CA GLN D 163 24.55 4.80 -20.90
C GLN D 163 24.44 5.54 -22.25
N GLN D 164 25.12 5.05 -23.29
CA GLN D 164 25.09 5.73 -24.58
C GLN D 164 23.80 5.44 -25.32
N ASN D 165 23.07 6.51 -25.65
CA ASN D 165 21.78 6.43 -26.33
C ASN D 165 20.68 5.77 -25.51
N VAL D 166 20.98 5.29 -24.31
CA VAL D 166 19.97 4.71 -23.42
C VAL D 166 18.83 5.71 -23.24
N LYS D 167 19.19 6.91 -22.80
CA LYS D 167 18.22 7.98 -22.60
C LYS D 167 17.53 8.36 -23.92
N ALA D 168 18.24 8.22 -25.03
CA ALA D 168 17.68 8.44 -26.35
C ALA D 168 16.67 7.35 -26.72
N VAL D 169 16.95 6.10 -26.34
CA VAL D 169 16.00 4.98 -26.54
C VAL D 169 14.62 5.33 -26.00
N PHE D 170 14.57 5.82 -24.77
CA PHE D 170 13.28 6.08 -24.11
C PHE D 170 12.64 7.39 -24.57
N ASP D 171 13.45 8.42 -24.78
CA ASP D 171 12.92 9.68 -25.31
C ASP D 171 12.10 9.40 -26.55
N THR D 172 12.69 8.66 -27.49
CA THR D 172 11.96 8.29 -28.72
C THR D 172 10.75 7.39 -28.44
N ALA D 173 10.92 6.33 -27.65
CA ALA D 173 9.79 5.50 -27.21
C ALA D 173 8.58 6.32 -26.76
N ILE D 174 8.78 7.23 -25.80
CA ILE D 174 7.70 8.09 -25.32
C ILE D 174 7.11 8.94 -26.43
N ARG D 175 7.97 9.55 -27.26
CA ARG D 175 7.52 10.42 -28.36
C ARG D 175 6.63 9.68 -29.34
N VAL D 176 6.93 8.40 -29.58
CA VAL D 176 6.13 7.62 -30.51
C VAL D 176 4.87 7.02 -29.87
N ALA D 177 4.99 6.59 -28.61
CA ALA D 177 3.83 6.21 -27.79
C ALA D 177 2.70 7.25 -27.86
N LEU D 178 3.08 8.53 -27.88
CA LEU D 178 2.14 9.63 -27.90
C LEU D 178 1.68 9.89 -29.35
N ARG D 179 0.41 9.55 -29.62
CA ARG D 179 -0.15 9.54 -30.99
C ARG D 179 0.74 8.76 -32.01
N PRO D 180 0.88 7.54 -31.92
#